data_6FZ6
#
_entry.id   6FZ6
#
_cell.length_a   131.840
_cell.length_b   53.140
_cell.length_c   113.570
_cell.angle_alpha   90.00
_cell.angle_beta   90.00
_cell.angle_gamma   90.00
#
_symmetry.space_group_name_H-M   'P 21 21 2'
#
loop_
_entity.id
_entity.type
_entity.pdbx_description
1 polymer 'Probable dual-specificity RNA methyltransferase RlmN'
2 non-polymer 'IRON/SULFUR CLUSTER'
3 non-polymer S-ADENOSYL-L-HOMOCYSTEINE
4 non-polymer GLYCEROL
5 non-polymer 'BROMIDE ION'
6 water water
#
_entity_poly.entity_id   1
_entity_poly.type   'polypeptide(L)'
_entity_poly.pdbx_seq_one_letter_code
;MAHHHHHHSSGLEVLFQGPMALYDLTLAELEERLAADGVPRYRARQIFHWAYRQLAVDYDAMTVLPKTLRADLATRLPLT
PLTPVREVQTDDGETIKTLFRTVDGQHIETVLMFYPDRTTVCVSCQVGCAVGCSFCATGMMGLTRNLTAGEMVAQVVAAA
RRAREAGRTLTNIVMMGMGEPFQNYEATMRMVRILHEEEGMNFGARRITVSTSGLVPFIDRLAREPFQVKLAVSLHAPND
DLRSSLVPLNRRYPIGELIAACRRYVGETGRRVTFEYVLIDGVNDSDANAEELARLLRGLLCHVNLIPLNPTPAAPFGRP
SVERINRFEQILRARGIPATVRYSRGVDISAA(SMC)GQLRAEYEAVAGA
;
_entity_poly.pdbx_strand_id   A,B
#
# COMPACT_ATOMS: atom_id res chain seq x y z
N PRO A 19 6.06 -24.68 -4.76
CA PRO A 19 7.12 -23.88 -4.14
C PRO A 19 7.35 -22.57 -4.87
N MET A 20 6.85 -21.47 -4.31
CA MET A 20 7.04 -20.11 -4.81
C MET A 20 7.77 -19.30 -3.75
N ALA A 21 8.63 -18.38 -4.18
CA ALA A 21 9.07 -17.29 -3.33
C ALA A 21 8.33 -16.01 -3.70
N LEU A 22 8.37 -15.02 -2.80
CA LEU A 22 7.72 -13.75 -3.11
C LEU A 22 8.20 -13.23 -4.45
N TYR A 23 9.50 -13.34 -4.69
CA TYR A 23 10.09 -12.77 -5.90
C TYR A 23 9.67 -13.44 -7.20
N ASP A 24 8.90 -14.55 -7.16
CA ASP A 24 8.38 -15.18 -8.36
C ASP A 24 7.12 -14.52 -8.90
N LEU A 25 6.50 -13.60 -8.16
CA LEU A 25 5.15 -13.13 -8.45
C LEU A 25 5.11 -11.71 -9.00
N THR A 26 4.20 -11.47 -9.94
CA THR A 26 3.80 -10.11 -10.26
C THR A 26 2.90 -9.54 -9.17
N LEU A 27 2.69 -8.24 -9.21
CA LEU A 27 1.84 -7.61 -8.22
C LEU A 27 0.43 -8.18 -8.27
N ALA A 28 -0.14 -8.31 -9.47
CA ALA A 28 -1.49 -8.88 -9.60
C ALA A 28 -1.54 -10.30 -9.07
N GLU A 29 -0.50 -11.10 -9.32
CA GLU A 29 -0.52 -12.48 -8.82
C GLU A 29 -0.48 -12.49 -7.30
N LEU A 30 0.31 -11.62 -6.69
CA LEU A 30 0.36 -11.54 -5.24
C LEU A 30 -0.98 -11.12 -4.68
N GLU A 31 -1.63 -10.14 -5.32
CA GLU A 31 -2.97 -9.73 -4.88
C GLU A 31 -3.94 -10.90 -4.86
N GLU A 32 -3.90 -11.72 -5.90
CA GLU A 32 -4.86 -12.82 -5.96
C GLU A 32 -4.49 -13.92 -4.96
N ARG A 33 -3.21 -14.14 -4.71
CA ARG A 33 -2.80 -15.12 -3.70
C ARG A 33 -3.27 -14.69 -2.32
N LEU A 34 -3.07 -13.41 -1.98
CA LEU A 34 -3.53 -12.89 -0.70
C LEU A 34 -5.04 -13.00 -0.56
N ALA A 35 -5.77 -12.63 -1.62
CA ALA A 35 -7.23 -12.66 -1.54
C ALA A 35 -7.73 -14.08 -1.32
N ALA A 36 -7.07 -15.06 -1.95
CA ALA A 36 -7.46 -16.45 -1.76
C ALA A 36 -7.30 -16.90 -0.31
N ASP A 37 -6.41 -16.26 0.43
CA ASP A 37 -6.22 -16.51 1.86
C ASP A 37 -6.99 -15.56 2.77
N GLY A 38 -7.90 -14.76 2.21
CA GLY A 38 -8.67 -13.80 3.00
C GLY A 38 -7.91 -12.58 3.45
N VAL A 39 -6.79 -12.27 2.80
CA VAL A 39 -5.96 -11.12 3.17
C VAL A 39 -6.30 -9.99 2.21
N PRO A 40 -6.45 -8.75 2.68
CA PRO A 40 -6.77 -7.65 1.75
C PRO A 40 -5.75 -7.51 0.61
N ARG A 41 -6.27 -7.26 -0.59
CA ARG A 41 -5.39 -7.10 -1.74
C ARG A 41 -4.45 -5.91 -1.56
N TYR A 42 -4.85 -4.88 -0.80
CA TYR A 42 -3.97 -3.73 -0.63
C TYR A 42 -2.64 -4.09 0.04
N ARG A 43 -2.59 -5.21 0.76
CA ARG A 43 -1.34 -5.61 1.40
C ARG A 43 -0.27 -5.92 0.37
N ALA A 44 -0.68 -6.27 -0.85
CA ALA A 44 0.31 -6.65 -1.87
C ALA A 44 1.21 -5.47 -2.23
N ARG A 45 0.64 -4.27 -2.35
CA ARG A 45 1.45 -3.10 -2.67
C ARG A 45 2.40 -2.79 -1.53
N GLN A 46 1.95 -2.96 -0.28
CA GLN A 46 2.81 -2.72 0.87
C GLN A 46 3.97 -3.69 0.88
N ILE A 47 3.71 -4.95 0.57
CA ILE A 47 4.77 -5.97 0.51
C ILE A 47 5.77 -5.64 -0.60
N PHE A 48 5.27 -5.22 -1.77
CA PHE A 48 6.17 -4.81 -2.86
C PHE A 48 7.04 -3.63 -2.44
N HIS A 49 6.43 -2.61 -1.80
CA HIS A 49 7.21 -1.47 -1.32
C HIS A 49 8.36 -1.93 -0.43
N TRP A 50 8.05 -2.77 0.56
CA TRP A 50 9.08 -3.15 1.53
C TRP A 50 10.10 -4.10 0.93
N ALA A 51 9.67 -5.00 0.04
CA ALA A 51 10.60 -5.95 -0.56
C ALA A 51 11.54 -5.28 -1.54
N TYR A 52 11.04 -4.32 -2.31
CA TYR A 52 11.78 -3.78 -3.44
C TYR A 52 12.25 -2.34 -3.28
N ARG A 53 11.49 -1.48 -2.62
CA ARG A 53 11.98 -0.15 -2.36
C ARG A 53 12.79 -0.10 -1.07
N GLN A 54 12.36 -0.80 -0.02
CA GLN A 54 13.14 -0.84 1.21
C GLN A 54 14.12 -2.01 1.22
N LEU A 55 14.04 -2.89 0.23
CA LEU A 55 14.98 -4.01 0.09
C LEU A 55 15.03 -4.86 1.37
N ALA A 56 13.86 -5.15 1.93
CA ALA A 56 13.77 -5.92 3.16
C ALA A 56 14.56 -7.24 3.07
N VAL A 57 15.26 -7.56 4.15
CA VAL A 57 16.01 -8.81 4.23
C VAL A 57 15.14 -9.98 4.65
N ASP A 58 14.06 -9.70 5.39
CA ASP A 58 13.14 -10.73 5.87
C ASP A 58 11.78 -10.07 6.10
N TYR A 59 10.76 -10.91 6.33
CA TYR A 59 9.43 -10.36 6.52
C TYR A 59 9.30 -9.58 7.83
N ASP A 60 10.09 -9.92 8.84
CA ASP A 60 9.96 -9.19 10.11
C ASP A 60 10.44 -7.75 9.98
N ALA A 61 11.18 -7.41 8.93
CA ALA A 61 11.51 -6.02 8.66
C ALA A 61 10.32 -5.20 8.18
N MET A 62 9.24 -5.86 7.73
CA MET A 62 8.07 -5.16 7.21
C MET A 62 7.12 -4.82 8.36
N THR A 63 7.48 -3.76 9.09
CA THR A 63 6.80 -3.43 10.35
C THR A 63 5.35 -2.99 10.14
N VAL A 64 4.98 -2.55 8.94
CA VAL A 64 3.61 -2.14 8.67
C VAL A 64 2.64 -3.31 8.68
N LEU A 65 3.14 -4.55 8.57
CA LEU A 65 2.25 -5.71 8.47
C LEU A 65 2.01 -6.33 9.83
N PRO A 66 0.80 -6.84 10.11
CA PRO A 66 0.58 -7.57 11.35
C PRO A 66 1.57 -8.72 11.51
N LYS A 67 1.95 -8.99 12.75
CA LYS A 67 2.91 -10.04 13.03
C LYS A 67 2.43 -11.40 12.53
N THR A 68 1.13 -11.68 12.71
CA THR A 68 0.60 -12.97 12.26
C THR A 68 0.72 -13.11 10.75
N LEU A 69 0.57 -12.01 10.00
CA LEU A 69 0.71 -12.06 8.55
C LEU A 69 2.15 -12.26 8.15
N ARG A 70 3.08 -11.60 8.85
CA ARG A 70 4.48 -11.82 8.59
C ARG A 70 4.86 -13.29 8.77
N ALA A 71 4.26 -13.94 9.76
CA ALA A 71 4.52 -15.36 9.97
C ALA A 71 3.90 -16.21 8.86
N ASP A 72 2.69 -15.90 8.42
CA ASP A 72 2.08 -16.64 7.32
C ASP A 72 2.89 -16.52 6.05
N LEU A 73 3.39 -15.31 5.76
CA LEU A 73 4.23 -15.12 4.59
C LEU A 73 5.53 -15.90 4.71
N ALA A 74 6.17 -15.84 5.89
CA ALA A 74 7.44 -16.55 6.04
C ALA A 74 7.27 -18.06 5.85
N THR A 75 6.13 -18.59 6.28
CA THR A 75 5.91 -20.04 6.21
C THR A 75 5.46 -20.47 4.82
N ARG A 76 4.55 -19.70 4.22
CA ARG A 76 3.86 -20.08 3.00
C ARG A 76 4.48 -19.49 1.74
N LEU A 77 5.21 -18.38 1.84
CA LEU A 77 5.70 -17.67 0.66
C LEU A 77 7.05 -17.05 0.98
N PRO A 78 8.10 -17.87 1.12
CA PRO A 78 9.40 -17.35 1.55
C PRO A 78 9.84 -16.15 0.71
N LEU A 79 10.45 -15.18 1.38
CA LEU A 79 10.80 -13.93 0.72
C LEU A 79 11.77 -14.17 -0.43
N THR A 80 12.90 -14.82 -0.14
CA THR A 80 13.89 -15.05 -1.18
C THR A 80 14.27 -16.52 -1.27
N PRO A 81 14.51 -17.02 -2.49
CA PRO A 81 14.97 -18.40 -2.67
C PRO A 81 16.48 -18.60 -2.62
N LEU A 82 17.27 -17.56 -2.37
CA LEU A 82 18.73 -17.64 -2.35
C LEU A 82 19.29 -17.30 -0.97
N THR A 83 20.37 -17.98 -0.60
CA THR A 83 21.11 -17.72 0.62
C THR A 83 22.51 -17.26 0.22
N PRO A 84 22.96 -16.06 0.62
CA PRO A 84 24.34 -15.66 0.29
C PRO A 84 25.32 -16.43 1.12
N VAL A 85 26.39 -16.91 0.48
CA VAL A 85 27.39 -17.74 1.12
C VAL A 85 28.71 -17.02 1.33
N ARG A 86 29.16 -16.24 0.34
CA ARG A 86 30.52 -15.71 0.35
C ARG A 86 30.52 -14.51 -0.56
N GLU A 87 31.28 -13.48 -0.21
CA GLU A 87 31.51 -12.32 -1.06
C GLU A 87 33.00 -12.05 -1.16
N VAL A 88 33.45 -11.70 -2.34
CA VAL A 88 34.83 -11.24 -2.55
C VAL A 88 34.80 -10.01 -3.44
N GLN A 89 35.78 -9.12 -3.25
CA GLN A 89 35.85 -7.94 -4.09
C GLN A 89 37.29 -7.71 -4.54
N THR A 90 37.40 -6.97 -5.63
CA THR A 90 38.71 -6.54 -6.11
C THR A 90 39.36 -5.55 -5.13
N ASP A 91 40.68 -5.39 -5.28
CA ASP A 91 41.42 -4.49 -4.40
C ASP A 91 40.86 -3.07 -4.45
N ASP A 92 40.41 -2.61 -5.62
CA ASP A 92 39.88 -1.26 -5.68
C ASP A 92 38.43 -1.18 -5.24
N GLY A 93 37.81 -2.30 -4.87
CA GLY A 93 36.46 -2.31 -4.34
C GLY A 93 35.35 -2.08 -5.36
N GLU A 94 35.67 -2.02 -6.65
CA GLU A 94 34.70 -1.65 -7.66
C GLU A 94 34.03 -2.84 -8.34
N THR A 95 34.46 -4.07 -8.06
CA THR A 95 33.85 -5.29 -8.57
C THR A 95 33.68 -6.24 -7.41
N ILE A 96 32.47 -6.73 -7.24
CA ILE A 96 32.10 -7.56 -6.09
C ILE A 96 31.39 -8.81 -6.60
N LYS A 97 31.91 -9.98 -6.24
CA LYS A 97 31.31 -11.26 -6.64
C LYS A 97 30.73 -11.97 -5.43
N THR A 98 29.49 -12.43 -5.57
CA THR A 98 28.78 -13.11 -4.49
C THR A 98 28.40 -14.51 -4.93
N LEU A 99 28.65 -15.48 -4.05
CA LEU A 99 28.22 -16.86 -4.21
C LEU A 99 26.92 -17.03 -3.43
N PHE A 100 25.89 -17.60 -4.10
CA PHE A 100 24.62 -17.89 -3.47
C PHE A 100 24.32 -19.39 -3.55
N ARG A 101 23.63 -19.89 -2.53
CA ARG A 101 23.15 -21.27 -2.49
C ARG A 101 21.64 -21.30 -2.72
N THR A 102 21.20 -22.21 -3.57
CA THR A 102 19.78 -22.41 -3.80
C THR A 102 19.17 -23.38 -2.78
N VAL A 103 17.84 -23.47 -2.79
CA VAL A 103 17.15 -24.33 -1.83
C VAL A 103 17.52 -25.80 -2.02
N ASP A 104 17.82 -26.20 -3.25
CA ASP A 104 18.22 -27.56 -3.58
C ASP A 104 19.73 -27.77 -3.52
N GLY A 105 20.45 -26.87 -2.87
CA GLY A 105 21.86 -27.09 -2.55
C GLY A 105 22.83 -26.82 -3.68
N GLN A 106 22.42 -26.11 -4.72
CA GLN A 106 23.30 -25.74 -5.81
C GLN A 106 23.78 -24.30 -5.61
N HIS A 107 24.71 -23.89 -6.45
CA HIS A 107 25.33 -22.58 -6.31
C HIS A 107 25.35 -21.83 -7.62
N ILE A 108 25.19 -20.51 -7.50
CA ILE A 108 25.34 -19.61 -8.64
C ILE A 108 26.12 -18.40 -8.12
N GLU A 109 26.61 -17.61 -9.06
CA GLU A 109 27.36 -16.40 -8.73
C GLU A 109 26.75 -15.18 -9.40
N THR A 110 26.89 -14.02 -8.74
N THR A 110 26.96 -14.02 -8.78
CA THR A 110 26.54 -12.74 -9.31
CA THR A 110 26.51 -12.75 -9.29
C THR A 110 27.76 -11.84 -9.22
C THR A 110 27.64 -11.75 -9.13
N VAL A 111 27.82 -10.85 -10.11
CA VAL A 111 28.91 -9.87 -10.10
C VAL A 111 28.29 -8.47 -10.15
N LEU A 112 28.69 -7.62 -9.22
CA LEU A 112 28.25 -6.24 -9.13
C LEU A 112 29.42 -5.32 -9.48
N MET A 113 29.18 -4.39 -10.39
CA MET A 113 30.22 -3.52 -10.94
C MET A 113 29.87 -2.05 -10.74
N PHE A 114 30.80 -1.32 -10.15
CA PHE A 114 30.68 0.12 -9.94
C PHE A 114 31.42 0.84 -11.06
N TYR A 115 30.69 1.59 -11.87
CA TYR A 115 31.24 2.45 -12.91
C TYR A 115 31.07 3.91 -12.54
N PRO A 116 31.70 4.84 -13.28
CA PRO A 116 31.60 6.26 -12.91
C PRO A 116 30.17 6.78 -12.89
N ASP A 117 29.33 6.31 -13.83
CA ASP A 117 28.01 6.87 -14.06
C ASP A 117 26.88 5.87 -13.93
N ARG A 118 27.16 4.65 -13.45
CA ARG A 118 26.16 3.60 -13.39
C ARG A 118 26.69 2.49 -12.50
N THR A 119 25.76 1.62 -12.10
CA THR A 119 26.03 0.48 -11.23
C THR A 119 25.28 -0.69 -11.85
N THR A 120 26.01 -1.76 -12.18
CA THR A 120 25.48 -2.85 -12.99
C THR A 120 25.67 -4.18 -12.27
N VAL A 121 24.61 -4.98 -12.30
CA VAL A 121 24.66 -6.36 -11.81
C VAL A 121 24.63 -7.31 -13.00
N CYS A 122 25.54 -8.28 -12.96
CA CYS A 122 25.60 -9.38 -13.91
C CYS A 122 24.94 -10.59 -13.24
N VAL A 123 23.83 -11.05 -13.83
CA VAL A 123 22.92 -12.03 -13.26
C VAL A 123 23.05 -13.36 -14.00
N SER A 124 23.01 -14.45 -13.23
CA SER A 124 22.95 -15.80 -13.81
C SER A 124 21.50 -16.21 -14.03
N CYS A 125 21.28 -16.97 -15.11
CA CYS A 125 19.94 -17.46 -15.46
C CYS A 125 19.81 -18.98 -15.39
N GLN A 126 20.92 -19.69 -15.24
CA GLN A 126 20.88 -21.13 -15.10
C GLN A 126 21.93 -21.56 -14.09
N VAL A 127 21.74 -22.74 -13.50
CA VAL A 127 22.79 -23.41 -12.75
C VAL A 127 23.61 -24.19 -13.77
N GLY A 128 24.74 -23.61 -14.18
CA GLY A 128 25.53 -24.16 -15.27
C GLY A 128 25.05 -23.64 -16.61
N CYS A 129 25.45 -24.35 -17.66
CA CYS A 129 25.04 -24.06 -19.03
C CYS A 129 25.25 -25.29 -19.87
N ALA A 130 24.32 -25.52 -20.81
CA ALA A 130 24.35 -26.65 -21.72
C ALA A 130 25.04 -26.38 -23.06
N VAL A 131 25.33 -25.13 -23.41
CA VAL A 131 25.76 -24.85 -24.77
C VAL A 131 27.17 -25.37 -25.01
N GLY A 132 28.06 -25.20 -24.05
CA GLY A 132 29.40 -25.76 -24.16
C GLY A 132 30.40 -25.04 -25.04
N CYS A 133 30.32 -23.72 -25.12
CA CYS A 133 31.33 -22.94 -25.84
C CYS A 133 32.72 -23.30 -25.34
N SER A 134 33.64 -23.47 -26.27
CA SER A 134 34.89 -24.15 -25.97
C SER A 134 35.78 -23.35 -25.01
N PHE A 135 35.58 -22.04 -24.91
CA PHE A 135 36.41 -21.16 -24.09
C PHE A 135 35.75 -20.77 -22.75
N CYS A 136 34.54 -21.24 -22.46
CA CYS A 136 33.77 -20.78 -21.31
C CYS A 136 33.83 -21.79 -20.17
N ALA A 137 34.22 -21.31 -18.98
CA ALA A 137 34.27 -22.19 -17.81
C ALA A 137 32.88 -22.59 -17.32
N THR A 138 31.86 -21.76 -17.50
CA THR A 138 30.51 -22.17 -17.12
C THR A 138 30.06 -23.36 -17.95
N GLY A 139 30.31 -23.33 -19.24
CA GLY A 139 29.94 -24.45 -20.08
C GLY A 139 30.60 -25.75 -19.67
N MET A 140 31.76 -25.67 -19.03
CA MET A 140 32.45 -26.87 -18.63
C MET A 140 31.73 -27.60 -17.51
N MET A 141 30.86 -26.92 -16.76
CA MET A 141 30.12 -27.61 -15.70
C MET A 141 28.88 -28.32 -16.19
N GLY A 142 28.42 -28.06 -17.42
CA GLY A 142 27.16 -28.65 -17.89
C GLY A 142 25.97 -27.99 -17.22
N LEU A 143 24.75 -28.31 -17.68
CA LEU A 143 23.52 -27.70 -17.15
C LEU A 143 22.96 -28.57 -16.02
N THR A 144 22.79 -27.98 -14.84
CA THR A 144 22.08 -28.62 -13.73
C THR A 144 20.59 -28.36 -13.86
N ARG A 145 20.19 -27.11 -13.92
CA ARG A 145 18.79 -26.75 -14.15
C ARG A 145 18.66 -25.28 -14.47
N ASN A 146 17.53 -24.91 -15.07
CA ASN A 146 17.16 -23.51 -15.21
C ASN A 146 16.84 -22.91 -13.82
N LEU A 147 17.16 -21.60 -13.69
CA LEU A 147 16.71 -20.83 -12.53
C LEU A 147 15.28 -20.34 -12.72
N THR A 148 14.56 -20.21 -11.61
CA THR A 148 13.24 -19.56 -11.66
C THR A 148 13.40 -18.05 -11.78
N ALA A 149 12.30 -17.39 -12.16
CA ALA A 149 12.33 -15.94 -12.19
C ALA A 149 12.67 -15.38 -10.83
N GLY A 150 12.13 -15.98 -9.76
CA GLY A 150 12.42 -15.52 -8.42
C GLY A 150 13.89 -15.63 -8.04
N GLU A 151 14.58 -16.67 -8.53
CA GLU A 151 16.01 -16.80 -8.27
C GLU A 151 16.81 -15.75 -9.03
N MET A 152 16.31 -15.24 -10.14
CA MET A 152 16.95 -14.14 -10.86
C MET A 152 16.64 -12.81 -10.18
N VAL A 153 15.38 -12.57 -9.85
CA VAL A 153 15.04 -11.37 -9.08
C VAL A 153 15.86 -11.30 -7.79
N ALA A 154 16.06 -12.43 -7.11
CA ALA A 154 16.77 -12.46 -5.85
C ALA A 154 18.20 -11.91 -6.00
N GLN A 155 18.85 -12.20 -7.13
CA GLN A 155 20.19 -11.69 -7.38
C GLN A 155 20.18 -10.18 -7.53
N VAL A 156 19.15 -9.65 -8.20
CA VAL A 156 19.01 -8.22 -8.42
C VAL A 156 18.75 -7.50 -7.09
N VAL A 157 17.85 -8.04 -6.26
CA VAL A 157 17.57 -7.42 -4.96
C VAL A 157 18.84 -7.39 -4.10
N ALA A 158 19.55 -8.51 -4.05
CA ALA A 158 20.75 -8.55 -3.24
C ALA A 158 21.77 -7.54 -3.74
N ALA A 159 21.90 -7.40 -5.07
CA ALA A 159 22.84 -6.43 -5.62
C ALA A 159 22.43 -5.00 -5.32
N ALA A 160 21.13 -4.71 -5.43
CA ALA A 160 20.65 -3.36 -5.11
C ALA A 160 20.93 -3.01 -3.65
N ARG A 161 20.78 -3.98 -2.76
CA ARG A 161 21.06 -3.76 -1.34
C ARG A 161 22.55 -3.51 -1.11
N ARG A 162 23.39 -4.31 -1.78
CA ARG A 162 24.83 -4.15 -1.63
C ARG A 162 25.31 -2.83 -2.21
N ALA A 163 24.71 -2.38 -3.32
CA ALA A 163 25.07 -1.09 -3.91
C ALA A 163 24.72 0.07 -2.99
N ARG A 164 23.59 -0.03 -2.30
CA ARG A 164 23.19 1.01 -1.37
C ARG A 164 24.21 1.19 -0.26
N GLU A 165 24.86 0.10 0.17
CA GLU A 165 25.93 0.23 1.16
C GLU A 165 27.10 1.07 0.67
N ALA A 166 27.29 1.14 -0.66
CA ALA A 166 28.35 1.90 -1.30
C ALA A 166 27.91 3.28 -1.79
N GLY A 167 26.75 3.76 -1.38
CA GLY A 167 26.27 5.06 -1.81
C GLY A 167 25.69 5.06 -3.20
N ARG A 168 25.23 3.93 -3.69
CA ARG A 168 24.79 3.79 -5.06
C ARG A 168 23.41 3.17 -5.16
N THR A 169 22.71 3.55 -6.23
CA THR A 169 21.51 2.83 -6.68
C THR A 169 21.87 1.98 -7.88
N LEU A 170 21.41 0.72 -7.85
CA LEU A 170 21.56 -0.17 -9.00
C LEU A 170 20.81 0.41 -10.20
N THR A 171 21.52 0.60 -11.30
CA THR A 171 20.94 1.23 -12.49
C THR A 171 20.77 0.31 -13.69
N ASN A 172 21.53 -0.80 -13.77
CA ASN A 172 21.55 -1.61 -14.98
C ASN A 172 21.70 -3.08 -14.59
N ILE A 173 21.14 -3.95 -15.44
CA ILE A 173 21.26 -5.39 -15.30
C ILE A 173 21.75 -5.93 -16.62
N VAL A 174 22.69 -6.88 -16.56
CA VAL A 174 23.13 -7.62 -17.74
C VAL A 174 22.97 -9.11 -17.46
N MET A 175 22.25 -9.79 -18.34
CA MET A 175 22.08 -11.25 -18.24
C MET A 175 23.27 -11.91 -18.94
N MET A 176 24.41 -11.89 -18.25
CA MET A 176 25.71 -12.30 -18.77
C MET A 176 26.48 -13.15 -17.76
N GLY A 177 25.79 -13.65 -16.73
CA GLY A 177 26.37 -14.58 -15.78
C GLY A 177 26.25 -16.00 -16.29
N MET A 178 26.11 -16.95 -15.37
CA MET A 178 26.03 -18.33 -15.82
C MET A 178 24.75 -18.57 -16.60
N GLY A 179 24.85 -19.23 -17.75
CA GLY A 179 23.70 -19.76 -18.44
C GLY A 179 23.37 -19.03 -19.73
N GLU A 180 22.49 -19.69 -20.51
CA GLU A 180 22.01 -19.17 -21.79
C GLU A 180 20.57 -18.67 -21.60
N PRO A 181 20.34 -17.37 -21.58
CA PRO A 181 18.99 -16.86 -21.28
C PRO A 181 17.90 -17.36 -22.20
N PHE A 182 18.19 -17.59 -23.49
CA PHE A 182 17.18 -18.04 -24.42
C PHE A 182 16.92 -19.54 -24.33
N GLN A 183 17.66 -20.26 -23.49
CA GLN A 183 17.22 -21.60 -23.09
C GLN A 183 16.40 -21.58 -21.80
N ASN A 184 16.16 -20.39 -21.26
CA ASN A 184 15.33 -20.15 -20.08
C ASN A 184 14.50 -18.88 -20.33
N TYR A 185 13.89 -18.81 -21.52
CA TYR A 185 13.33 -17.56 -22.01
C TYR A 185 12.16 -17.09 -21.16
N GLU A 186 11.21 -17.97 -20.85
CA GLU A 186 10.00 -17.54 -20.15
C GLU A 186 10.33 -16.98 -18.77
N ALA A 187 11.22 -17.65 -18.05
CA ALA A 187 11.61 -17.16 -16.73
C ALA A 187 12.35 -15.84 -16.83
N THR A 188 13.23 -15.69 -17.83
CA THR A 188 13.94 -14.43 -18.01
C THR A 188 12.97 -13.28 -18.25
N MET A 189 11.96 -13.49 -19.12
CA MET A 189 11.01 -12.43 -19.39
C MET A 189 10.09 -12.17 -18.19
N ARG A 190 9.79 -13.20 -17.40
CA ARG A 190 9.05 -12.98 -16.16
C ARG A 190 9.84 -12.10 -15.18
N MET A 191 11.16 -12.35 -15.07
CA MET A 191 12.03 -11.47 -14.27
C MET A 191 11.91 -10.02 -14.74
N VAL A 192 11.99 -9.80 -16.06
CA VAL A 192 11.86 -8.45 -16.60
C VAL A 192 10.55 -7.81 -16.16
N ARG A 193 9.45 -8.57 -16.28
CA ARG A 193 8.14 -8.03 -15.96
C ARG A 193 8.01 -7.70 -14.47
N ILE A 194 8.53 -8.56 -13.60
CA ILE A 194 8.43 -8.34 -12.17
C ILE A 194 9.22 -7.09 -11.77
N LEU A 195 10.43 -6.97 -12.30
CA LEU A 195 11.28 -5.82 -11.98
C LEU A 195 10.70 -4.52 -12.53
N HIS A 196 9.95 -4.58 -13.64
CA HIS A 196 9.37 -3.37 -14.23
C HIS A 196 8.26 -2.80 -13.37
N GLU A 197 7.67 -3.58 -12.46
CA GLU A 197 6.53 -3.10 -11.68
C GLU A 197 6.82 -1.75 -11.01
N GLU A 198 5.97 -0.77 -11.28
CA GLU A 198 6.18 0.56 -10.73
C GLU A 198 6.17 0.57 -9.21
N GLU A 199 5.35 -0.28 -8.59
CA GLU A 199 5.29 -0.35 -7.13
C GLU A 199 6.42 -1.18 -6.54
N GLY A 200 7.20 -1.84 -7.37
CA GLY A 200 8.35 -2.60 -6.92
C GLY A 200 9.65 -1.92 -7.31
N MET A 201 10.52 -2.60 -8.03
CA MET A 201 11.81 -2.00 -8.39
C MET A 201 11.67 -0.90 -9.42
N ASN A 202 10.56 -0.84 -10.15
CA ASN A 202 10.32 0.23 -11.14
C ASN A 202 11.50 0.33 -12.09
N PHE A 203 11.95 -0.82 -12.58
CA PHE A 203 13.18 -0.94 -13.32
C PHE A 203 12.84 -0.94 -14.80
N GLY A 204 13.21 0.13 -15.50
CA GLY A 204 12.90 0.22 -16.92
C GLY A 204 13.57 -0.90 -17.71
N ALA A 205 12.84 -1.41 -18.71
CA ALA A 205 13.38 -2.53 -19.48
C ALA A 205 14.63 -2.13 -20.26
N ARG A 206 14.74 -0.87 -20.65
CA ARG A 206 15.91 -0.41 -21.39
C ARG A 206 17.20 -0.54 -20.58
N ARG A 207 17.07 -0.67 -19.27
CA ARG A 207 18.22 -0.83 -18.38
C ARG A 207 18.69 -2.27 -18.28
N ILE A 208 18.01 -3.21 -18.96
CA ILE A 208 18.34 -4.63 -18.90
C ILE A 208 18.86 -5.07 -20.27
N THR A 209 20.00 -5.76 -20.28
CA THR A 209 20.53 -6.37 -21.49
C THR A 209 20.43 -7.88 -21.35
N VAL A 210 19.85 -8.51 -22.37
CA VAL A 210 19.78 -9.96 -22.44
C VAL A 210 20.76 -10.40 -23.52
N SER A 211 21.63 -11.35 -23.19
CA SER A 211 22.65 -11.84 -24.12
C SER A 211 22.36 -13.29 -24.48
N THR A 212 22.57 -13.65 -25.75
CA THR A 212 22.35 -15.03 -26.19
C THR A 212 23.51 -15.49 -27.08
N SER A 213 23.83 -16.78 -26.98
CA SER A 213 24.75 -17.44 -27.90
C SER A 213 24.10 -17.76 -29.25
N GLY A 214 22.82 -17.42 -29.41
CA GLY A 214 22.22 -17.25 -30.72
C GLY A 214 21.07 -18.19 -31.05
N LEU A 215 20.08 -18.29 -30.17
CA LEU A 215 18.88 -19.10 -30.45
C LEU A 215 17.89 -18.26 -31.24
N VAL A 216 17.99 -18.39 -32.56
CA VAL A 216 17.25 -17.64 -33.57
C VAL A 216 15.78 -17.41 -33.21
N PRO A 217 14.96 -18.43 -32.94
CA PRO A 217 13.53 -18.16 -32.75
C PRO A 217 13.22 -17.24 -31.59
N PHE A 218 14.10 -17.18 -30.59
CA PHE A 218 13.88 -16.30 -29.45
C PHE A 218 14.30 -14.88 -29.73
N ILE A 219 15.19 -14.65 -30.70
CA ILE A 219 15.43 -13.29 -31.17
C ILE A 219 14.17 -12.74 -31.80
N ASP A 220 13.50 -13.55 -32.63
CA ASP A 220 12.23 -13.13 -33.23
C ASP A 220 11.19 -12.87 -32.14
N ARG A 221 11.14 -13.72 -31.11
CA ARG A 221 10.17 -13.48 -30.02
C ARG A 221 10.49 -12.20 -29.27
N LEU A 222 11.77 -11.97 -29.00
CA LEU A 222 12.14 -10.78 -28.25
C LEU A 222 11.73 -9.52 -29.00
N ALA A 223 11.83 -9.55 -30.34
CA ALA A 223 11.49 -8.39 -31.15
C ALA A 223 10.03 -7.98 -30.96
N ARG A 224 9.16 -8.91 -30.56
CA ARG A 224 7.74 -8.65 -30.41
C ARG A 224 7.31 -8.43 -28.95
N GLU A 225 8.22 -8.53 -27.99
CA GLU A 225 7.86 -8.31 -26.60
C GLU A 225 7.59 -6.83 -26.36
N PRO A 226 6.67 -6.51 -25.46
CA PRO A 226 6.38 -5.11 -25.15
C PRO A 226 7.49 -4.41 -24.40
N PHE A 227 8.43 -5.14 -23.82
CA PHE A 227 9.52 -4.58 -23.04
C PHE A 227 10.74 -4.32 -23.92
N GLN A 228 11.27 -3.10 -23.85
CA GLN A 228 12.36 -2.68 -24.74
C GLN A 228 13.73 -3.00 -24.12
N VAL A 229 13.96 -4.30 -23.88
CA VAL A 229 15.28 -4.72 -23.40
C VAL A 229 16.32 -4.55 -24.50
N LYS A 230 17.58 -4.46 -24.10
CA LYS A 230 18.68 -4.42 -25.04
C LYS A 230 19.10 -5.85 -25.38
N LEU A 231 19.35 -6.12 -26.65
CA LEU A 231 19.77 -7.43 -27.11
C LEU A 231 21.28 -7.45 -27.40
N ALA A 232 21.95 -8.46 -26.84
CA ALA A 232 23.34 -8.76 -27.18
C ALA A 232 23.40 -10.19 -27.71
N VAL A 233 24.20 -10.36 -28.76
CA VAL A 233 24.36 -11.65 -29.42
C VAL A 233 25.85 -12.00 -29.41
N SER A 234 26.18 -13.17 -28.89
CA SER A 234 27.57 -13.62 -28.84
C SER A 234 27.90 -14.33 -30.15
N LEU A 235 28.79 -13.73 -30.93
CA LEU A 235 29.07 -14.15 -32.29
C LEU A 235 30.39 -14.94 -32.39
N HIS A 236 31.52 -14.29 -32.08
CA HIS A 236 32.85 -14.88 -31.94
C HIS A 236 33.50 -15.34 -33.21
N ALA A 237 32.79 -15.34 -34.33
CA ALA A 237 33.39 -15.77 -35.59
C ALA A 237 32.54 -15.27 -36.74
N PRO A 238 33.12 -15.11 -37.93
CA PRO A 238 32.35 -14.57 -39.06
C PRO A 238 32.00 -15.61 -40.11
N ASN A 239 32.25 -16.89 -39.84
CA ASN A 239 31.88 -17.96 -40.76
C ASN A 239 31.50 -19.21 -39.95
N ASP A 240 30.76 -20.10 -40.62
CA ASP A 240 30.18 -21.25 -39.92
C ASP A 240 31.23 -22.26 -39.47
N ASP A 241 32.21 -22.55 -40.32
CA ASP A 241 33.22 -23.52 -39.93
C ASP A 241 33.91 -23.10 -38.65
N LEU A 242 34.32 -21.83 -38.59
CA LEU A 242 34.98 -21.34 -37.39
C LEU A 242 33.99 -21.26 -36.22
N ARG A 243 32.79 -20.73 -36.46
CA ARG A 243 31.87 -20.54 -35.35
C ARG A 243 31.50 -21.86 -34.68
N SER A 244 31.25 -22.92 -35.47
CA SER A 244 30.88 -24.19 -34.87
C SER A 244 32.00 -24.79 -34.02
N SER A 245 33.25 -24.46 -34.31
CA SER A 245 34.36 -24.93 -33.48
C SER A 245 34.39 -24.26 -32.12
N LEU A 246 33.71 -23.14 -31.97
CA LEU A 246 33.69 -22.37 -30.74
C LEU A 246 32.35 -22.46 -30.01
N VAL A 247 31.25 -22.46 -30.74
CA VAL A 247 29.88 -22.38 -30.19
C VAL A 247 29.08 -23.54 -30.77
N PRO A 248 28.87 -24.62 -30.01
CA PRO A 248 28.19 -25.81 -30.59
C PRO A 248 26.78 -25.52 -31.08
N LEU A 249 26.11 -24.53 -30.50
CA LEU A 249 24.79 -24.11 -30.94
C LEU A 249 24.75 -23.69 -32.40
N ASN A 250 25.90 -23.26 -32.96
CA ASN A 250 25.93 -22.85 -34.35
C ASN A 250 25.60 -24.00 -35.30
N ARG A 251 25.79 -25.24 -34.87
CA ARG A 251 25.37 -26.38 -35.68
C ARG A 251 23.86 -26.40 -35.88
N ARG A 252 23.12 -25.84 -34.94
CA ARG A 252 21.66 -25.94 -34.95
C ARG A 252 21.03 -24.65 -35.49
N TYR A 253 21.65 -23.51 -35.22
CA TYR A 253 21.20 -22.20 -35.68
C TYR A 253 22.42 -21.55 -36.33
N PRO A 254 22.64 -21.77 -37.63
CA PRO A 254 23.89 -21.34 -38.27
C PRO A 254 23.99 -19.82 -38.41
N ILE A 255 25.19 -19.34 -38.74
CA ILE A 255 25.50 -17.91 -38.64
C ILE A 255 24.63 -17.10 -39.59
N GLY A 256 24.35 -17.63 -40.79
CA GLY A 256 23.52 -16.90 -41.74
C GLY A 256 22.11 -16.67 -41.22
N GLU A 257 21.54 -17.69 -40.60
CA GLU A 257 20.22 -17.56 -39.98
C GLU A 257 20.26 -16.63 -38.79
N LEU A 258 21.34 -16.66 -38.02
CA LEU A 258 21.47 -15.78 -36.87
C LEU A 258 21.50 -14.32 -37.31
N ILE A 259 22.30 -13.99 -38.33
CA ILE A 259 22.39 -12.60 -38.77
C ILE A 259 21.07 -12.15 -39.40
N ALA A 260 20.42 -13.03 -40.15
CA ALA A 260 19.12 -12.68 -40.71
C ALA A 260 18.11 -12.35 -39.61
N ALA A 261 18.13 -13.12 -38.51
CA ALA A 261 17.24 -12.84 -37.39
C ALA A 261 17.57 -11.48 -36.75
N CYS A 262 18.84 -11.13 -36.67
CA CYS A 262 19.20 -9.83 -36.12
C CYS A 262 18.73 -8.71 -37.04
N ARG A 263 18.83 -8.91 -38.36
CA ARG A 263 18.33 -7.92 -39.30
C ARG A 263 16.82 -7.75 -39.14
N ARG A 264 16.09 -8.85 -38.96
CA ARG A 264 14.65 -8.73 -38.72
C ARG A 264 14.37 -8.01 -37.40
N TYR A 265 15.18 -8.27 -36.38
CA TYR A 265 14.96 -7.64 -35.08
C TYR A 265 15.09 -6.12 -35.21
N VAL A 266 16.13 -5.66 -35.88
CA VAL A 266 16.31 -4.23 -36.09
C VAL A 266 15.15 -3.67 -36.91
N GLY A 267 14.73 -4.40 -37.95
CA GLY A 267 13.62 -3.94 -38.78
C GLY A 267 12.33 -3.76 -37.99
N GLU A 268 12.08 -4.65 -37.02
CA GLU A 268 10.86 -4.63 -36.24
C GLU A 268 10.91 -3.60 -35.11
N THR A 269 12.08 -3.45 -34.47
CA THR A 269 12.18 -2.62 -33.27
C THR A 269 12.87 -1.29 -33.52
N GLY A 270 13.70 -1.18 -34.54
CA GLY A 270 14.53 0.00 -34.73
C GLY A 270 15.65 0.13 -33.73
N ARG A 271 15.93 -0.89 -32.93
CA ARG A 271 16.93 -0.86 -31.87
C ARG A 271 18.20 -1.60 -32.27
N ARG A 272 19.32 -1.10 -31.77
CA ARG A 272 20.64 -1.63 -32.10
C ARG A 272 20.88 -3.00 -31.48
N VAL A 273 21.58 -3.86 -32.21
CA VAL A 273 22.02 -5.15 -31.68
C VAL A 273 23.49 -5.01 -31.30
N THR A 274 23.84 -5.44 -30.10
CA THR A 274 25.24 -5.49 -29.68
C THR A 274 25.77 -6.90 -29.93
N PHE A 275 26.91 -7.00 -30.58
CA PHE A 275 27.56 -8.28 -30.80
C PHE A 275 28.78 -8.40 -29.90
N GLU A 276 28.90 -9.54 -29.23
CA GLU A 276 30.09 -9.85 -28.46
C GLU A 276 31.00 -10.75 -29.31
N TYR A 277 32.29 -10.46 -29.27
CA TYR A 277 33.26 -11.23 -30.05
C TYR A 277 34.50 -11.39 -29.17
N VAL A 278 34.67 -12.59 -28.62
CA VAL A 278 35.82 -12.90 -27.78
C VAL A 278 37.02 -13.12 -28.71
N LEU A 279 38.12 -12.43 -28.45
CA LEU A 279 39.31 -12.52 -29.31
C LEU A 279 40.28 -13.55 -28.74
N ILE A 280 40.62 -14.56 -29.56
CA ILE A 280 41.41 -15.72 -29.17
C ILE A 280 42.61 -15.84 -30.10
N ASP A 281 43.81 -15.93 -29.52
CA ASP A 281 45.07 -15.96 -30.27
C ASP A 281 45.11 -17.13 -31.26
N GLY A 282 45.19 -16.79 -32.55
CA GLY A 282 45.34 -17.78 -33.59
C GLY A 282 44.07 -18.49 -33.99
N VAL A 283 42.91 -18.05 -33.49
CA VAL A 283 41.64 -18.71 -33.73
C VAL A 283 40.71 -17.83 -34.55
N ASN A 284 40.45 -16.61 -34.09
CA ASN A 284 39.45 -15.75 -34.71
C ASN A 284 39.91 -14.29 -34.75
N ASP A 285 41.22 -14.05 -34.66
CA ASP A 285 41.75 -12.70 -34.44
C ASP A 285 42.57 -12.18 -35.61
N SER A 286 42.47 -12.76 -36.80
CA SER A 286 43.28 -12.32 -37.94
C SER A 286 42.63 -11.13 -38.64
N ASP A 287 43.46 -10.42 -39.42
CA ASP A 287 42.94 -9.33 -40.26
C ASP A 287 41.83 -9.85 -41.18
N ALA A 288 42.05 -11.02 -41.78
CA ALA A 288 41.04 -11.60 -42.68
C ALA A 288 39.74 -11.90 -41.94
N ASN A 289 39.85 -12.35 -40.68
CA ASN A 289 38.66 -12.57 -39.86
C ASN A 289 37.90 -11.26 -39.66
N ALA A 290 38.63 -10.17 -39.37
CA ALA A 290 37.96 -8.90 -39.15
C ALA A 290 37.30 -8.39 -40.42
N GLU A 291 37.96 -8.54 -41.57
CA GLU A 291 37.36 -8.12 -42.83
C GLU A 291 36.10 -8.93 -43.11
N GLU A 292 36.14 -10.25 -42.85
CA GLU A 292 34.95 -11.05 -43.11
C GLU A 292 33.82 -10.68 -42.17
N LEU A 293 34.14 -10.39 -40.90
CA LEU A 293 33.11 -9.94 -39.97
C LEU A 293 32.47 -8.64 -40.45
N ALA A 294 33.27 -7.69 -40.92
CA ALA A 294 32.68 -6.44 -41.40
C ALA A 294 31.74 -6.68 -42.58
N ARG A 295 32.11 -7.60 -43.49
CA ARG A 295 31.20 -7.93 -44.60
C ARG A 295 29.93 -8.59 -44.08
N LEU A 296 30.06 -9.45 -43.08
CA LEU A 296 28.90 -10.15 -42.55
C LEU A 296 27.90 -9.16 -41.96
N LEU A 297 28.40 -8.13 -41.28
CA LEU A 297 27.55 -7.20 -40.53
C LEU A 297 27.18 -5.96 -41.33
N ARG A 298 27.54 -5.88 -42.60
CA ARG A 298 27.34 -4.67 -43.39
C ARG A 298 25.89 -4.18 -43.34
N GLY A 299 25.75 -2.88 -43.05
CA GLY A 299 24.47 -2.21 -43.04
C GLY A 299 23.65 -2.41 -41.79
N LEU A 300 24.03 -3.35 -40.92
CA LEU A 300 23.24 -3.66 -39.74
C LEU A 300 23.48 -2.61 -38.66
N LEU A 301 22.39 -2.21 -38.01
CA LEU A 301 22.48 -1.28 -36.89
C LEU A 301 23.00 -2.07 -35.69
N CYS A 302 24.29 -1.88 -35.39
CA CYS A 302 24.96 -2.74 -34.43
C CYS A 302 26.17 -2.05 -33.83
N HIS A 303 26.76 -2.73 -32.86
CA HIS A 303 27.99 -2.34 -32.19
C HIS A 303 28.70 -3.61 -31.79
N VAL A 304 30.01 -3.69 -32.01
CA VAL A 304 30.79 -4.88 -31.69
C VAL A 304 31.63 -4.61 -30.46
N ASN A 305 31.47 -5.42 -29.43
CA ASN A 305 32.34 -5.41 -28.27
C ASN A 305 33.35 -6.53 -28.48
N LEU A 306 34.63 -6.17 -28.49
CA LEU A 306 35.73 -7.11 -28.66
C LEU A 306 36.29 -7.41 -27.29
N ILE A 307 36.15 -8.67 -26.87
CA ILE A 307 36.50 -9.08 -25.50
C ILE A 307 37.78 -9.92 -25.57
N PRO A 308 38.91 -9.42 -25.14
CA PRO A 308 40.12 -10.26 -25.10
C PRO A 308 39.88 -11.45 -24.17
N LEU A 309 40.25 -12.65 -24.63
CA LEU A 309 39.93 -13.87 -23.89
C LEU A 309 40.38 -13.78 -22.44
N ASN A 310 39.46 -14.15 -21.52
CA ASN A 310 39.80 -14.25 -20.11
C ASN A 310 40.27 -15.65 -19.75
N PRO A 311 41.22 -15.74 -18.83
CA PRO A 311 41.79 -17.06 -18.51
C PRO A 311 40.80 -17.93 -17.77
N THR A 312 40.82 -19.22 -18.08
CA THR A 312 40.06 -20.22 -17.36
C THR A 312 40.98 -21.38 -17.01
N PRO A 313 40.58 -22.23 -16.05
CA PRO A 313 41.47 -23.32 -15.65
C PRO A 313 41.88 -24.23 -16.79
N ALA A 314 40.95 -24.60 -17.67
CA ALA A 314 41.29 -25.49 -18.77
C ALA A 314 42.24 -24.76 -19.68
N ALA A 315 41.73 -23.71 -20.34
CA ALA A 315 42.46 -22.84 -21.24
C ALA A 315 43.44 -23.57 -22.14
N PRO A 316 42.98 -24.14 -23.25
CA PRO A 316 43.91 -24.50 -24.32
C PRO A 316 44.30 -23.30 -25.18
N PHE A 317 43.49 -22.25 -25.14
CA PHE A 317 43.62 -21.02 -25.93
C PHE A 317 44.23 -19.88 -25.12
N GLY A 318 44.85 -18.93 -25.84
CA GLY A 318 45.38 -17.73 -25.24
C GLY A 318 44.76 -16.44 -25.80
N ARG A 319 45.08 -15.36 -25.13
CA ARG A 319 44.67 -14.02 -25.53
C ARG A 319 45.66 -13.44 -26.54
N PRO A 320 45.21 -12.73 -27.58
CA PRO A 320 46.16 -12.12 -28.54
C PRO A 320 46.92 -10.97 -27.90
N SER A 321 47.96 -10.55 -28.61
CA SER A 321 48.71 -9.38 -28.20
C SER A 321 47.85 -8.12 -28.26
N VAL A 322 48.27 -7.10 -27.51
CA VAL A 322 47.60 -5.81 -27.54
C VAL A 322 47.60 -5.26 -28.97
N GLU A 323 48.71 -5.44 -29.69
CA GLU A 323 48.81 -4.95 -31.06
C GLU A 323 47.80 -5.63 -31.98
N ARG A 324 47.62 -6.96 -31.82
CA ARG A 324 46.62 -7.66 -32.65
C ARG A 324 45.20 -7.20 -32.31
N ILE A 325 44.90 -7.10 -31.02
CA ILE A 325 43.58 -6.64 -30.58
C ILE A 325 43.28 -5.27 -31.18
N ASN A 326 44.22 -4.34 -31.09
CA ASN A 326 43.98 -2.99 -31.58
C ASN A 326 43.81 -2.96 -33.10
N ARG A 327 44.56 -3.80 -33.81
CA ARG A 327 44.42 -3.84 -35.27
C ARG A 327 43.04 -4.36 -35.67
N PHE A 328 42.56 -5.40 -34.98
CA PHE A 328 41.24 -5.94 -35.27
C PHE A 328 40.19 -4.85 -35.10
N GLU A 329 40.25 -4.11 -33.99
CA GLU A 329 39.34 -3.00 -33.75
C GLU A 329 39.44 -1.94 -34.84
N GLN A 330 40.67 -1.60 -35.25
CA GLN A 330 40.89 -0.58 -36.28
C GLN A 330 40.24 -0.98 -37.60
N ILE A 331 40.37 -2.26 -37.99
CA ILE A 331 39.77 -2.73 -39.23
C ILE A 331 38.26 -2.59 -39.19
N LEU A 332 37.61 -3.07 -38.13
CA LEU A 332 36.17 -2.97 -38.06
C LEU A 332 35.72 -1.51 -38.17
N ARG A 333 36.36 -0.62 -37.41
CA ARG A 333 35.92 0.78 -37.41
C ARG A 333 36.09 1.39 -38.79
N ALA A 334 37.17 1.04 -39.47
CA ALA A 334 37.44 1.62 -40.79
C ALA A 334 36.38 1.22 -41.80
N ARG A 335 35.75 0.05 -41.61
CA ARG A 335 34.68 -0.40 -42.48
C ARG A 335 33.31 0.10 -42.04
N GLY A 336 33.25 1.01 -41.07
CA GLY A 336 32.00 1.61 -40.67
C GLY A 336 31.24 0.86 -39.60
N ILE A 337 31.88 -0.09 -38.90
CA ILE A 337 31.26 -0.85 -37.82
C ILE A 337 31.74 -0.27 -36.51
N PRO A 338 30.86 0.30 -35.68
CA PRO A 338 31.27 0.75 -34.34
C PRO A 338 31.81 -0.42 -33.55
N ALA A 339 32.96 -0.23 -32.90
CA ALA A 339 33.63 -1.33 -32.22
C ALA A 339 34.48 -0.83 -31.07
N THR A 340 34.39 -1.50 -29.92
CA THR A 340 35.14 -1.14 -28.72
C THR A 340 35.72 -2.39 -28.09
N VAL A 341 37.01 -2.34 -27.79
CA VAL A 341 37.66 -3.35 -26.97
C VAL A 341 37.22 -3.14 -25.54
N ARG A 342 36.78 -4.22 -24.89
CA ARG A 342 36.30 -4.18 -23.51
C ARG A 342 37.04 -5.28 -22.75
N TYR A 343 38.10 -4.89 -22.03
CA TYR A 343 38.77 -5.81 -21.11
C TYR A 343 37.85 -6.02 -19.92
N SER A 344 37.58 -7.28 -19.61
CA SER A 344 36.60 -7.58 -18.59
C SER A 344 37.09 -7.16 -17.22
N ARG A 345 36.15 -6.79 -16.36
CA ARG A 345 36.49 -6.52 -14.99
C ARG A 345 36.34 -7.78 -14.16
N GLY A 346 37.10 -7.84 -13.07
CA GLY A 346 37.02 -8.93 -12.12
C GLY A 346 37.92 -10.12 -12.40
N VAL A 347 38.84 -10.02 -13.35
CA VAL A 347 39.72 -11.16 -13.67
C VAL A 347 40.46 -11.63 -12.41
N ASP A 348 40.88 -10.68 -11.56
CA ASP A 348 41.71 -11.02 -10.40
C ASP A 348 40.96 -11.77 -9.32
N ILE A 349 39.63 -11.80 -9.37
CA ILE A 349 38.80 -12.55 -8.43
C ILE A 349 37.94 -13.60 -9.15
N SER A 350 38.31 -13.97 -10.38
CA SER A 350 37.60 -14.96 -11.16
C SER A 350 36.13 -14.60 -11.29
N ALA A 351 35.88 -13.32 -11.60
CA ALA A 351 34.54 -12.79 -11.74
C ALA A 351 34.27 -12.24 -13.13
N ALA A 352 35.19 -12.43 -14.08
CA ALA A 352 35.01 -11.94 -15.42
C ALA A 352 34.21 -12.89 -16.30
N GLY A 354 33.06 -15.56 -18.56
CA GLY A 354 33.60 -16.88 -18.84
C GLY A 354 34.25 -17.59 -17.68
N GLN A 355 34.35 -16.92 -16.52
CA GLN A 355 35.06 -17.46 -15.37
C GLN A 355 34.17 -18.01 -14.26
N LEU A 356 32.85 -17.87 -14.35
CA LEU A 356 31.97 -18.27 -13.25
C LEU A 356 31.78 -19.78 -13.21
N ARG A 357 32.30 -20.42 -12.16
CA ARG A 357 32.19 -21.86 -11.93
C ARG A 357 31.41 -22.21 -10.67
N ALA A 358 31.01 -21.22 -9.88
CA ALA A 358 30.27 -21.44 -8.64
C ALA A 358 31.01 -22.39 -7.71
N GLU A 359 32.31 -22.13 -7.55
CA GLU A 359 33.20 -22.85 -6.64
C GLU A 359 33.46 -24.26 -7.14
N PRO B 19 -38.11 0.38 32.99
CA PRO B 19 -36.94 1.07 33.57
C PRO B 19 -36.52 2.21 32.66
N MET B 20 -36.97 3.40 33.00
CA MET B 20 -36.71 4.63 32.25
C MET B 20 -35.95 5.61 33.14
N ALA B 21 -35.11 6.43 32.50
CA ALA B 21 -34.62 7.65 33.12
C ALA B 21 -35.44 8.83 32.62
N LEU B 22 -35.37 9.94 33.34
CA LEU B 22 -36.08 11.13 32.89
C LEU B 22 -35.71 11.46 31.45
N TYR B 23 -34.41 11.35 31.12
CA TYR B 23 -33.92 11.72 29.81
C TYR B 23 -34.41 10.82 28.67
N ASP B 24 -35.13 9.74 28.97
CA ASP B 24 -35.69 8.90 27.92
C ASP B 24 -37.01 9.41 27.37
N LEU B 25 -37.62 10.42 27.99
CA LEU B 25 -39.00 10.81 27.73
C LEU B 25 -39.15 12.09 26.93
N THR B 26 -40.12 12.12 26.04
CA THR B 26 -40.59 13.38 25.51
C THR B 26 -41.42 14.12 26.56
N LEU B 27 -41.69 15.40 26.30
CA LEU B 27 -42.48 16.16 27.25
C LEU B 27 -43.89 15.56 27.39
N ALA B 28 -44.53 15.22 26.27
CA ALA B 28 -45.86 14.61 26.32
C ALA B 28 -45.84 13.30 27.10
N GLU B 29 -44.79 12.49 26.93
CA GLU B 29 -44.71 11.24 27.68
C GLU B 29 -44.53 11.50 29.17
N LEU B 30 -43.74 12.51 29.53
CA LEU B 30 -43.58 12.83 30.94
C LEU B 30 -44.91 13.28 31.54
N GLU B 31 -45.65 14.12 30.80
CA GLU B 31 -46.95 14.56 31.29
C GLU B 31 -47.86 13.38 31.56
N GLU B 32 -47.88 12.40 30.66
CA GLU B 32 -48.79 11.27 30.83
C GLU B 32 -48.37 10.38 31.99
N ARG B 33 -47.07 10.23 32.20
CA ARG B 33 -46.58 9.47 33.34
C ARG B 33 -46.94 10.16 34.65
N LEU B 34 -46.75 11.48 34.73
CA LEU B 34 -47.12 12.21 35.93
C LEU B 34 -48.60 12.07 36.20
N ALA B 35 -49.43 12.22 35.17
CA ALA B 35 -50.86 12.14 35.37
C ALA B 35 -51.27 10.76 35.87
N ALA B 36 -50.62 9.71 35.36
CA ALA B 36 -50.92 8.36 35.83
C ALA B 36 -50.58 8.19 37.30
N ASP B 37 -49.63 8.97 37.82
CA ASP B 37 -49.30 8.95 39.23
C ASP B 37 -50.05 10.02 40.02
N GLY B 38 -51.04 10.66 39.40
CA GLY B 38 -51.81 11.68 40.09
C GLY B 38 -51.10 13.00 40.31
N VAL B 39 -50.05 13.29 39.53
CA VAL B 39 -49.31 14.55 39.66
C VAL B 39 -49.83 15.52 38.61
N PRO B 40 -50.03 16.80 38.94
CA PRO B 40 -50.53 17.76 37.94
C PRO B 40 -49.61 17.83 36.73
N ARG B 41 -50.23 17.96 35.55
CA ARG B 41 -49.43 17.97 34.32
C ARG B 41 -48.50 19.18 34.23
N TYR B 42 -48.85 20.30 34.86
CA TYR B 42 -47.99 21.47 34.76
C TYR B 42 -46.59 21.21 35.30
N ARG B 43 -46.42 20.18 36.14
CA ARG B 43 -45.10 19.86 36.66
C ARG B 43 -44.15 19.38 35.58
N ALA B 44 -44.68 18.83 34.48
CA ALA B 44 -43.79 18.30 33.44
C ALA B 44 -42.94 19.39 32.82
N ARG B 45 -43.54 20.54 32.52
CA ARG B 45 -42.79 21.64 31.95
C ARG B 45 -41.76 22.16 32.94
N GLN B 46 -42.10 22.22 34.24
CA GLN B 46 -41.13 22.67 35.23
C GLN B 46 -39.96 21.72 35.34
N ILE B 47 -40.23 20.40 35.29
CA ILE B 47 -39.16 19.40 35.33
C ILE B 47 -38.25 19.54 34.12
N PHE B 48 -38.84 19.75 32.94
CA PHE B 48 -38.02 19.98 31.75
C PHE B 48 -37.16 21.23 31.88
N HIS B 49 -37.73 22.31 32.41
N HIS B 49 -37.68 22.31 32.43
CA HIS B 49 -36.96 23.53 32.60
CA HIS B 49 -36.90 23.51 32.62
C HIS B 49 -35.74 23.28 33.49
C HIS B 49 -35.73 23.28 33.52
N TRP B 50 -35.96 22.62 34.62
CA TRP B 50 -34.86 22.43 35.56
C TRP B 50 -33.86 21.40 35.03
N ALA B 51 -34.34 20.37 34.34
CA ALA B 51 -33.43 19.35 33.80
C ALA B 51 -32.57 19.90 32.68
N TYR B 52 -33.15 20.71 31.81
CA TYR B 52 -32.53 21.05 30.54
C TYR B 52 -32.12 22.51 30.42
N ARG B 53 -32.80 23.44 31.05
CA ARG B 53 -32.37 24.83 31.03
C ARG B 53 -31.48 25.12 32.21
N GLN B 54 -31.79 24.58 33.37
CA GLN B 54 -30.91 24.74 34.52
C GLN B 54 -29.90 23.60 34.65
N LEU B 55 -30.02 22.55 33.83
CA LEU B 55 -29.04 21.47 33.80
C LEU B 55 -28.84 20.85 35.18
N ALA B 56 -29.96 20.60 35.87
CA ALA B 56 -29.93 20.06 37.22
C ALA B 56 -29.09 18.78 37.30
N VAL B 57 -28.27 18.69 38.36
CA VAL B 57 -27.45 17.50 38.56
C VAL B 57 -28.24 16.38 39.22
N ASP B 58 -29.26 16.75 39.97
CA ASP B 58 -30.10 15.80 40.69
C ASP B 58 -31.44 16.45 40.96
N TYR B 59 -32.38 15.64 41.44
CA TYR B 59 -33.72 16.19 41.68
C TYR B 59 -33.72 17.18 42.84
N ASP B 60 -32.78 17.04 43.77
CA ASP B 60 -32.75 17.96 44.90
C ASP B 60 -32.43 19.38 44.47
N ALA B 61 -31.82 19.54 43.28
CA ALA B 61 -31.57 20.87 42.73
C ALA B 61 -32.85 21.53 42.22
N MET B 62 -33.94 20.78 42.04
CA MET B 62 -35.18 21.33 41.51
C MET B 62 -35.98 21.88 42.70
N THR B 63 -35.56 23.05 43.18
CA THR B 63 -36.09 23.56 44.44
C THR B 63 -37.55 23.93 44.32
N VAL B 64 -38.02 24.25 43.12
CA VAL B 64 -39.43 24.62 42.96
C VAL B 64 -40.35 23.44 43.24
N LEU B 65 -39.82 22.22 43.26
CA LEU B 65 -40.71 21.07 43.41
C LEU B 65 -40.83 20.67 44.88
N PRO B 66 -42.03 20.23 45.30
CA PRO B 66 -42.19 19.72 46.65
C PRO B 66 -41.23 18.57 46.95
N LYS B 67 -40.84 18.46 48.22
CA LYS B 67 -39.90 17.42 48.61
C LYS B 67 -40.45 16.02 48.32
N THR B 68 -41.74 15.81 48.54
CA THR B 68 -42.33 14.50 48.28
C THR B 68 -42.23 14.13 46.81
N LEU B 69 -42.37 15.10 45.92
CA LEU B 69 -42.32 14.81 44.50
C LEU B 69 -40.90 14.48 44.07
N ARG B 70 -39.92 15.21 44.58
CA ARG B 70 -38.54 14.92 44.25
C ARG B 70 -38.15 13.51 44.68
N ALA B 71 -38.65 13.07 45.84
CA ALA B 71 -38.33 11.73 46.29
C ALA B 71 -38.99 10.68 45.41
N ASP B 72 -40.24 10.90 45.02
CA ASP B 72 -40.91 9.98 44.11
C ASP B 72 -40.20 9.93 42.76
N LEU B 73 -39.75 11.08 42.26
CA LEU B 73 -39.04 11.09 40.99
C LEU B 73 -37.71 10.35 41.08
N ALA B 74 -36.95 10.58 42.16
CA ALA B 74 -35.66 9.90 42.31
C ALA B 74 -35.83 8.39 42.34
N THR B 75 -36.90 7.90 42.96
CA THR B 75 -37.09 6.46 43.06
C THR B 75 -37.71 5.89 41.80
N ARG B 76 -38.69 6.59 41.23
CA ARG B 76 -39.48 6.06 40.12
C ARG B 76 -38.92 6.41 38.76
N LEU B 77 -38.15 7.50 38.65
CA LEU B 77 -37.73 8.01 37.34
C LEU B 77 -36.37 8.67 37.48
N PRO B 78 -35.31 7.88 37.67
CA PRO B 78 -33.99 8.46 37.92
C PRO B 78 -33.63 9.50 36.88
N LEU B 79 -33.00 10.58 37.35
CA LEU B 79 -32.72 11.70 36.47
C LEU B 79 -31.84 11.28 35.31
N THR B 80 -30.68 10.72 35.61
CA THR B 80 -29.74 10.34 34.57
C THR B 80 -29.34 8.87 34.71
N PRO B 81 -29.15 8.19 33.58
CA PRO B 81 -28.68 6.80 33.62
C PRO B 81 -27.16 6.64 33.61
N LEU B 82 -26.37 7.72 33.62
CA LEU B 82 -24.91 7.65 33.58
C LEU B 82 -24.29 8.23 34.83
N THR B 83 -23.18 7.63 35.24
CA THR B 83 -22.38 8.11 36.38
C THR B 83 -21.02 8.54 35.86
N PRO B 84 -20.59 9.79 36.05
CA PRO B 84 -19.25 10.16 35.58
C PRO B 84 -18.20 9.55 36.47
N VAL B 85 -17.15 9.00 35.85
CA VAL B 85 -16.10 8.28 36.53
C VAL B 85 -14.79 9.05 36.52
N ARG B 86 -14.48 9.70 35.40
CA ARG B 86 -13.17 10.31 35.22
C ARG B 86 -13.27 11.36 34.13
N GLU B 87 -12.57 12.48 34.32
CA GLU B 87 -12.49 13.50 33.27
C GLU B 87 -11.01 13.84 33.07
N VAL B 88 -10.62 13.99 31.81
CA VAL B 88 -9.27 14.41 31.48
C VAL B 88 -9.34 15.49 30.40
N GLN B 89 -8.37 16.39 30.41
CA GLN B 89 -8.33 17.43 29.40
C GLN B 89 -6.94 17.57 28.82
N THR B 90 -6.90 18.14 27.62
CA THR B 90 -5.64 18.51 27.02
C THR B 90 -4.97 19.64 27.81
N ASP B 91 -3.67 19.82 27.55
CA ASP B 91 -2.92 20.87 28.24
C ASP B 91 -3.54 22.23 28.01
N ASP B 92 -4.08 22.47 26.82
CA ASP B 92 -4.66 23.79 26.52
C ASP B 92 -6.08 23.93 27.03
N GLY B 93 -6.66 22.88 27.62
CA GLY B 93 -7.99 22.99 28.19
C GLY B 93 -9.13 23.05 27.18
N GLU B 94 -8.85 22.88 25.90
CA GLU B 94 -9.88 23.05 24.88
C GLU B 94 -10.57 21.75 24.49
N THR B 95 -10.07 20.61 24.96
CA THR B 95 -10.67 19.31 24.68
C THR B 95 -10.78 18.55 26.00
N ILE B 96 -11.98 18.05 26.29
CA ILE B 96 -12.26 17.43 27.58
C ILE B 96 -12.95 16.10 27.31
N LYS B 97 -12.36 15.02 27.80
CA LYS B 97 -12.93 13.68 27.65
C LYS B 97 -13.44 13.17 29.00
N THR B 98 -14.65 12.63 28.99
CA THR B 98 -15.26 12.08 30.20
C THR B 98 -15.59 10.61 29.99
N LEU B 99 -15.23 9.79 30.98
CA LEU B 99 -15.64 8.38 31.04
C LEU B 99 -16.86 8.26 31.95
N PHE B 100 -17.90 7.61 31.44
CA PHE B 100 -19.15 7.37 32.15
C PHE B 100 -19.38 5.89 32.32
N ARG B 101 -19.92 5.52 33.46
N ARG B 101 -19.93 5.52 33.46
CA ARG B 101 -20.34 4.15 33.75
CA ARG B 101 -20.36 4.16 33.76
C ARG B 101 -21.86 4.05 33.63
C ARG B 101 -21.86 4.07 33.62
N THR B 102 -22.32 3.01 32.96
CA THR B 102 -23.74 2.71 32.83
C THR B 102 -24.24 1.89 34.02
N VAL B 103 -25.57 1.73 34.09
CA VAL B 103 -26.18 1.04 35.22
C VAL B 103 -25.77 -0.42 35.26
N ASP B 104 -25.50 -1.00 34.08
CA ASP B 104 -25.07 -2.39 33.97
C ASP B 104 -23.54 -2.52 33.98
N GLY B 105 -22.83 -1.49 34.44
CA GLY B 105 -21.40 -1.63 34.70
C GLY B 105 -20.51 -1.54 33.48
N GLN B 106 -21.00 -1.05 32.37
CA GLN B 106 -20.20 -0.83 31.17
C GLN B 106 -19.78 0.63 31.12
N HIS B 107 -18.92 0.96 30.15
CA HIS B 107 -18.37 2.31 30.05
C HIS B 107 -18.46 2.85 28.65
N ILE B 108 -18.69 4.16 28.57
CA ILE B 108 -18.64 4.90 27.33
C ILE B 108 -17.87 6.19 27.56
N GLU B 109 -17.49 6.84 26.48
CA GLU B 109 -16.73 8.09 26.54
C GLU B 109 -17.43 9.18 25.74
N THR B 110 -17.23 10.42 26.17
N THR B 110 -17.30 10.41 26.22
CA THR B 110 -17.78 11.62 25.53
CA THR B 110 -17.72 11.60 25.48
C THR B 110 -16.70 12.69 25.48
C THR B 110 -16.55 12.56 25.36
N VAL B 111 -16.63 13.41 24.36
CA VAL B 111 -15.58 14.42 24.15
C VAL B 111 -16.24 15.77 23.92
N LEU B 112 -15.79 16.77 24.68
CA LEU B 112 -16.25 18.14 24.54
C LEU B 112 -15.10 18.98 23.99
N MET B 113 -15.39 19.75 22.94
CA MET B 113 -14.40 20.56 22.25
C MET B 113 -14.81 22.03 22.19
N PHE B 114 -13.91 22.88 22.62
CA PHE B 114 -14.06 24.33 22.53
C PHE B 114 -13.33 24.77 21.26
N TYR B 115 -14.09 25.25 20.29
CA TYR B 115 -13.54 25.81 19.07
C TYR B 115 -13.72 27.32 19.06
N PRO B 116 -13.05 28.02 18.14
CA PRO B 116 -13.17 29.48 18.13
C PRO B 116 -14.57 29.96 17.89
N ASP B 117 -15.37 29.24 17.09
CA ASP B 117 -16.69 29.72 16.69
C ASP B 117 -17.82 28.80 17.13
N ARG B 118 -17.54 27.79 17.95
CA ARG B 118 -18.58 26.84 18.34
C ARG B 118 -18.08 25.98 19.50
N THR B 119 -19.03 25.28 20.12
CA THR B 119 -18.71 24.36 21.21
C THR B 119 -19.44 23.08 20.90
N THR B 120 -18.71 21.97 20.79
CA THR B 120 -19.25 20.73 20.24
C THR B 120 -19.03 19.57 21.19
N VAL B 121 -20.06 18.72 21.33
CA VAL B 121 -19.95 17.45 22.04
C VAL B 121 -20.02 16.31 21.04
N CYS B 122 -19.08 15.38 21.19
CA CYS B 122 -19.04 14.13 20.45
C CYS B 122 -19.63 13.04 21.35
N VAL B 123 -20.75 12.44 20.90
CA VAL B 123 -21.60 11.55 21.67
C VAL B 123 -21.46 10.12 21.15
N SER B 124 -21.44 9.17 22.08
CA SER B 124 -21.47 7.75 21.75
C SER B 124 -22.92 7.28 21.67
N CYS B 125 -23.17 6.33 20.76
CA CYS B 125 -24.51 5.75 20.59
C CYS B 125 -24.59 4.27 20.93
N GLN B 126 -23.46 3.61 21.11
CA GLN B 126 -23.43 2.20 21.47
C GLN B 126 -22.29 2.00 22.46
N VAL B 127 -22.40 0.94 23.25
CA VAL B 127 -21.28 0.41 24.05
C VAL B 127 -20.50 -0.48 23.10
N GLY B 128 -19.41 0.03 22.53
CA GLY B 128 -18.70 -0.70 21.50
C GLY B 128 -19.28 -0.44 20.12
N CYS B 129 -18.91 -1.31 19.17
CA CYS B 129 -19.42 -1.23 17.81
C CYS B 129 -19.24 -2.59 17.14
N ALA B 130 -20.23 -2.99 16.32
CA ALA B 130 -20.20 -4.27 15.62
C ALA B 130 -19.61 -4.18 14.21
N VAL B 131 -19.39 -2.99 13.66
CA VAL B 131 -19.02 -2.93 12.24
C VAL B 131 -17.61 -3.46 11.99
N GLY B 132 -16.66 -3.15 12.86
CA GLY B 132 -15.34 -3.70 12.76
C GLY B 132 -14.41 -3.07 11.73
N CYS B 133 -14.54 -1.76 11.49
CA CYS B 133 -13.60 -1.08 10.62
C CYS B 133 -12.18 -1.32 11.12
N SER B 134 -11.27 -1.63 10.19
CA SER B 134 -10.01 -2.26 10.60
C SER B 134 -9.09 -1.31 11.34
N PHE B 135 -9.29 0.00 11.22
CA PHE B 135 -8.44 1.01 11.83
C PHE B 135 -9.06 1.64 13.09
N CYS B 136 -10.26 1.20 13.51
CA CYS B 136 -10.99 1.83 14.61
C CYS B 136 -10.85 1.03 15.91
N ALA B 137 -10.42 1.70 16.98
CA ALA B 137 -10.30 1.02 18.27
C ALA B 137 -11.65 0.65 18.87
N THR B 138 -12.70 1.43 18.57
CA THR B 138 -14.03 1.05 19.06
C THR B 138 -14.46 -0.26 18.43
N GLY B 139 -14.26 -0.41 17.12
CA GLY B 139 -14.60 -1.66 16.46
C GLY B 139 -13.83 -2.85 17.01
N MET B 140 -12.64 -2.62 17.57
CA MET B 140 -11.85 -3.72 18.11
C MET B 140 -12.47 -4.27 19.38
N MET B 141 -13.32 -3.51 20.06
CA MET B 141 -13.94 -4.07 21.26
C MET B 141 -15.20 -4.88 20.97
N GLY B 142 -15.76 -4.77 19.76
CA GLY B 142 -17.02 -5.43 19.47
C GLY B 142 -18.18 -4.73 20.14
N LEU B 143 -19.40 -5.16 19.81
CA LEU B 143 -20.62 -4.54 20.33
C LEU B 143 -21.07 -5.22 21.62
N THR B 144 -21.20 -4.44 22.70
CA THR B 144 -21.81 -4.92 23.93
C THR B 144 -23.31 -4.73 23.85
N ARG B 145 -23.78 -3.49 23.61
CA ARG B 145 -25.20 -3.24 23.43
C ARG B 145 -25.41 -1.84 22.89
N ASN B 146 -26.61 -1.61 22.35
CA ASN B 146 -27.06 -0.26 22.03
C ASN B 146 -27.31 0.55 23.30
N LEU B 147 -27.04 1.86 23.22
CA LEU B 147 -27.43 2.80 24.27
C LEU B 147 -28.90 3.20 24.07
N THR B 148 -29.56 3.54 25.18
CA THR B 148 -30.88 4.12 25.12
C THR B 148 -30.81 5.59 24.70
N ALA B 149 -31.95 6.14 24.29
CA ALA B 149 -31.98 7.58 24.03
C ALA B 149 -31.58 8.36 25.27
N GLY B 150 -32.02 7.93 26.44
CA GLY B 150 -31.67 8.63 27.68
C GLY B 150 -30.18 8.63 27.96
N GLU B 151 -29.48 7.55 27.61
CA GLU B 151 -28.03 7.49 27.79
C GLU B 151 -27.30 8.39 26.81
N MET B 152 -27.93 8.73 25.68
CA MET B 152 -27.35 9.69 24.74
C MET B 152 -27.64 11.11 25.20
N VAL B 153 -28.90 11.39 25.57
CA VAL B 153 -29.24 12.71 26.14
C VAL B 153 -28.36 13.03 27.35
N ALA B 154 -28.07 12.03 28.18
CA ALA B 154 -27.27 12.26 29.37
C ALA B 154 -25.90 12.81 29.03
N GLN B 155 -25.31 12.33 27.93
CA GLN B 155 -24.00 12.82 27.52
C GLN B 155 -24.06 14.29 27.10
N VAL B 156 -25.15 14.66 26.41
CA VAL B 156 -25.34 16.03 25.95
C VAL B 156 -25.53 16.96 27.14
N VAL B 157 -26.37 16.56 28.11
CA VAL B 157 -26.61 17.37 29.29
C VAL B 157 -25.32 17.59 30.06
N ALA B 158 -24.55 16.52 30.25
CA ALA B 158 -23.30 16.63 30.99
C ALA B 158 -22.35 17.58 30.29
N ALA B 159 -22.27 17.49 28.96
CA ALA B 159 -21.38 18.39 28.22
C ALA B 159 -21.86 19.82 28.28
N ALA B 160 -23.17 20.05 28.17
CA ALA B 160 -23.66 21.42 28.28
C ALA B 160 -23.32 22.01 29.65
N ARG B 161 -23.42 21.25 30.67
CA ARG B 161 -23.10 21.69 32.00
C ARG B 161 -21.64 22.02 32.12
N ARG B 162 -20.78 21.19 31.59
CA ARG B 162 -19.35 21.44 31.66
C ARG B 162 -18.97 22.66 30.85
N ALA B 163 -19.59 22.85 29.69
CA ALA B 163 -19.33 24.03 28.87
C ALA B 163 -19.75 25.31 29.58
N ARG B 164 -20.87 25.25 30.33
CA ARG B 164 -21.34 26.42 31.07
C ARG B 164 -20.32 26.86 32.11
N GLU B 165 -19.57 25.92 32.70
CA GLU B 165 -18.52 26.31 33.64
C GLU B 165 -17.44 27.17 32.98
N ALA B 166 -17.25 27.04 31.67
CA ALA B 166 -16.32 27.85 30.90
C ALA B 166 -16.98 29.08 30.28
N GLY B 167 -18.24 29.33 30.63
CA GLY B 167 -18.97 30.47 30.11
C GLY B 167 -19.50 30.29 28.71
N ARG B 168 -19.64 29.05 28.25
CA ARG B 168 -19.97 28.79 26.86
C ARG B 168 -21.27 28.00 26.75
N THR B 169 -22.04 28.31 25.72
CA THR B 169 -23.21 27.51 25.38
C THR B 169 -22.82 26.40 24.41
N LEU B 170 -23.26 25.18 24.70
CA LEU B 170 -23.08 24.08 23.76
C LEU B 170 -23.89 24.38 22.50
N THR B 171 -23.22 24.38 21.35
CA THR B 171 -23.85 24.78 20.10
C THR B 171 -24.06 23.62 19.13
N ASN B 172 -23.31 22.54 19.26
CA ASN B 172 -23.31 21.47 18.27
C ASN B 172 -23.13 20.11 18.91
N ILE B 173 -23.71 19.09 18.26
CA ILE B 173 -23.57 17.69 18.65
C ILE B 173 -23.10 16.95 17.40
N VAL B 174 -22.15 16.04 17.58
CA VAL B 174 -21.71 15.15 16.52
C VAL B 174 -21.82 13.72 17.06
N MET B 175 -22.57 12.88 16.35
CA MET B 175 -22.70 11.47 16.69
C MET B 175 -21.53 10.74 16.04
N MET B 176 -20.36 10.91 16.66
CA MET B 176 -19.10 10.42 16.13
C MET B 176 -18.27 9.76 17.21
N GLY B 177 -18.85 9.45 18.37
CA GLY B 177 -18.19 8.70 19.42
C GLY B 177 -18.32 7.20 19.15
N MET B 178 -18.38 6.41 20.21
CA MET B 178 -18.44 4.95 20.00
C MET B 178 -19.75 4.54 19.35
N GLY B 179 -19.68 3.75 18.29
CA GLY B 179 -20.83 3.05 17.77
C GLY B 179 -21.31 3.58 16.43
N GLU B 180 -22.20 2.80 15.82
CA GLU B 180 -22.79 3.08 14.52
C GLU B 180 -24.23 3.55 14.70
N PRO B 181 -24.51 4.84 14.51
CA PRO B 181 -25.86 5.34 14.82
C PRO B 181 -26.97 4.65 14.07
N PHE B 182 -26.74 4.23 12.82
CA PHE B 182 -27.79 3.58 12.05
C PHE B 182 -27.97 2.12 12.39
N GLN B 183 -27.17 1.53 13.29
CA GLN B 183 -27.51 0.28 13.94
C GLN B 183 -28.22 0.51 15.26
N ASN B 184 -28.49 1.79 15.61
CA ASN B 184 -29.28 2.19 16.77
C ASN B 184 -30.17 3.35 16.37
N TYR B 185 -30.85 3.19 15.22
CA TYR B 185 -31.51 4.33 14.57
C TYR B 185 -32.63 4.92 15.42
N GLU B 186 -33.50 4.07 15.95
CA GLU B 186 -34.68 4.57 16.64
C GLU B 186 -34.29 5.37 17.88
N ALA B 187 -33.30 4.88 18.64
CA ALA B 187 -32.86 5.58 19.83
C ALA B 187 -32.19 6.89 19.47
N THR B 188 -31.40 6.89 18.39
CA THR B 188 -30.75 8.12 17.94
C THR B 188 -31.77 9.19 17.57
N MET B 189 -32.80 8.80 16.83
CA MET B 189 -33.81 9.77 16.46
C MET B 189 -34.64 10.21 17.66
N ARG B 190 -34.85 9.34 18.65
CA ARG B 190 -35.54 9.76 19.86
C ARG B 190 -34.73 10.80 20.62
N MET B 191 -33.41 10.61 20.71
CA MET B 191 -32.56 11.65 21.28
C MET B 191 -32.75 12.97 20.55
N VAL B 192 -32.75 12.95 19.22
CA VAL B 192 -32.94 14.19 18.46
C VAL B 192 -34.24 14.86 18.87
N ARG B 193 -35.32 14.08 18.91
CA ARG B 193 -36.64 14.63 19.23
C ARG B 193 -36.71 15.20 20.65
N ILE B 194 -36.10 14.51 21.62
CA ILE B 194 -36.13 14.98 22.99
C ILE B 194 -35.35 16.29 23.12
N LEU B 195 -34.17 16.36 22.50
CA LEU B 195 -33.35 17.57 22.57
C LEU B 195 -34.02 18.74 21.86
N HIS B 196 -34.83 18.46 20.85
CA HIS B 196 -35.50 19.52 20.11
C HIS B 196 -36.58 20.24 20.91
N GLU B 197 -37.10 19.61 21.97
CA GLU B 197 -38.21 20.16 22.74
C GLU B 197 -37.96 21.60 23.15
N GLU B 198 -38.89 22.48 22.76
CA GLU B 198 -38.72 23.90 23.03
C GLU B 198 -38.65 24.19 24.53
N GLU B 199 -39.35 23.42 25.31
CA GLU B 199 -39.35 23.55 26.73
C GLU B 199 -38.20 22.88 27.43
N GLY B 200 -37.41 22.14 26.69
CA GLY B 200 -36.21 21.52 27.21
C GLY B 200 -34.98 22.18 26.66
N MET B 201 -34.12 21.41 26.02
CA MET B 201 -32.88 21.94 25.49
C MET B 201 -33.09 22.85 24.28
N ASN B 202 -34.24 22.75 23.60
CA ASN B 202 -34.53 23.63 22.47
C ASN B 202 -33.38 23.63 21.47
N PHE B 203 -32.88 22.44 21.18
CA PHE B 203 -31.66 22.27 20.40
C PHE B 203 -32.06 21.97 18.95
N GLY B 204 -31.81 22.90 18.04
CA GLY B 204 -32.20 22.71 16.66
C GLY B 204 -31.52 21.50 16.04
N ALA B 205 -32.26 20.78 15.20
CA ALA B 205 -31.71 19.59 14.56
C ALA B 205 -30.56 19.91 13.62
N ARG B 206 -30.53 21.10 13.02
CA ARG B 206 -29.43 21.47 12.13
C ARG B 206 -28.10 21.51 12.87
N ARG B 207 -28.13 21.59 14.20
CA ARG B 207 -26.93 21.60 15.02
C ARG B 207 -26.40 20.21 15.31
N ILE B 208 -27.06 19.15 14.82
CA ILE B 208 -26.69 17.76 15.10
C ILE B 208 -26.23 17.12 13.80
N THR B 209 -25.06 16.49 13.84
CA THR B 209 -24.57 15.69 12.72
C THR B 209 -24.63 14.23 13.13
N VAL B 210 -25.24 13.42 12.27
CA VAL B 210 -25.26 11.97 12.43
C VAL B 210 -24.33 11.39 11.38
N SER B 211 -23.39 10.54 11.80
CA SER B 211 -22.40 9.94 10.93
C SER B 211 -22.66 8.45 10.86
N THR B 212 -22.56 7.87 9.67
CA THR B 212 -22.78 6.44 9.47
C THR B 212 -21.70 5.85 8.60
N SER B 213 -21.33 4.60 8.91
CA SER B 213 -20.49 3.80 8.03
C SER B 213 -21.25 3.27 6.81
N GLY B 214 -22.53 3.56 6.67
CA GLY B 214 -23.20 3.49 5.38
C GLY B 214 -24.34 2.49 5.29
N LEU B 215 -25.28 2.51 6.23
CA LEU B 215 -26.44 1.62 6.14
C LEU B 215 -27.49 2.29 5.27
N VAL B 216 -27.46 1.93 3.99
CA VAL B 216 -28.32 2.47 2.94
C VAL B 216 -29.77 2.74 3.36
N PRO B 217 -30.53 1.76 3.88
CA PRO B 217 -31.96 2.04 4.14
C PRO B 217 -32.22 3.12 5.16
N PHE B 218 -31.29 3.34 6.08
CA PHE B 218 -31.46 4.37 7.07
C PHE B 218 -31.08 5.76 6.54
N ILE B 219 -30.26 5.84 5.49
CA ILE B 219 -30.07 7.11 4.78
C ILE B 219 -31.39 7.53 4.15
N ASP B 220 -32.11 6.55 3.55
CA ASP B 220 -33.40 6.83 2.94
C ASP B 220 -34.40 7.28 4.00
N ARG B 221 -34.39 6.63 5.17
CA ARG B 221 -35.27 7.06 6.27
C ARG B 221 -34.91 8.44 6.79
N LEU B 222 -33.62 8.73 6.94
CA LEU B 222 -33.21 10.03 7.48
C LEU B 222 -33.70 11.16 6.57
N ALA B 223 -33.69 10.93 5.25
CA ALA B 223 -34.13 11.95 4.31
C ALA B 223 -35.58 12.36 4.52
N ARG B 224 -36.38 11.47 5.10
CA ARG B 224 -37.81 11.73 5.29
C ARG B 224 -38.16 12.17 6.69
N GLU B 225 -37.20 12.26 7.60
CA GLU B 225 -37.50 12.67 8.96
C GLU B 225 -37.84 14.15 9.00
N PRO B 226 -38.71 14.56 9.91
CA PRO B 226 -39.04 15.99 10.02
C PRO B 226 -37.89 16.84 10.52
N PHE B 227 -36.88 16.24 11.13
CA PHE B 227 -35.74 16.97 11.68
C PHE B 227 -34.60 17.05 10.67
N GLN B 228 -34.10 18.26 10.46
CA GLN B 228 -33.07 18.50 9.44
C GLN B 228 -31.66 18.32 10.02
N VAL B 229 -31.36 17.09 10.47
CA VAL B 229 -29.98 16.84 10.92
C VAL B 229 -29.04 16.86 9.73
N LYS B 230 -27.75 17.05 10.01
CA LYS B 230 -26.69 16.96 9.01
C LYS B 230 -26.26 15.50 8.88
N LEU B 231 -26.07 15.06 7.65
CA LEU B 231 -25.64 13.69 7.39
C LEU B 231 -24.16 13.65 7.02
N ALA B 232 -23.41 12.78 7.69
CA ALA B 232 -22.04 12.43 7.32
C ALA B 232 -21.94 10.94 7.05
N VAL B 233 -21.22 10.58 5.98
CA VAL B 233 -21.06 9.20 5.59
C VAL B 233 -19.57 8.87 5.58
N SER B 234 -19.18 7.82 6.30
CA SER B 234 -17.79 7.39 6.35
C SER B 234 -17.49 6.50 5.17
N LEU B 235 -16.64 6.95 4.27
CA LEU B 235 -16.40 6.29 3.00
C LEU B 235 -15.07 5.53 2.99
N HIS B 236 -13.95 6.24 3.12
CA HIS B 236 -12.63 5.65 3.33
C HIS B 236 -12.01 4.97 2.12
N ALA B 237 -12.75 4.78 1.02
CA ALA B 237 -12.18 4.16 -0.16
C ALA B 237 -13.11 4.43 -1.33
N PRO B 238 -12.60 4.42 -2.54
CA PRO B 238 -13.44 4.74 -3.69
C PRO B 238 -13.83 3.57 -4.56
N ASN B 239 -13.54 2.34 -4.13
CA ASN B 239 -13.95 1.16 -4.87
C ASN B 239 -14.27 0.06 -3.86
N ASP B 240 -15.03 -0.93 -4.32
CA ASP B 240 -15.56 -1.95 -3.40
C ASP B 240 -14.48 -2.85 -2.82
N ASP B 241 -13.48 -3.25 -3.62
CA ASP B 241 -12.46 -4.14 -3.08
C ASP B 241 -11.75 -3.50 -1.91
N LEU B 242 -11.29 -2.27 -2.09
CA LEU B 242 -10.60 -1.58 -1.01
C LEU B 242 -11.56 -1.27 0.14
N ARG B 243 -12.78 -0.82 -0.18
CA ARG B 243 -13.71 -0.44 0.89
C ARG B 243 -14.08 -1.63 1.76
N SER B 244 -14.37 -2.79 1.15
CA SER B 244 -14.72 -3.95 1.97
C SER B 244 -13.56 -4.40 2.84
N SER B 245 -12.32 -4.16 2.41
N SER B 245 -12.31 -4.17 2.41
CA SER B 245 -11.18 -4.55 3.22
CA SER B 245 -11.16 -4.52 3.22
C SER B 245 -10.93 -3.61 4.39
C SER B 245 -11.04 -3.65 4.46
N LEU B 246 -11.55 -2.43 4.41
CA LEU B 246 -11.46 -1.51 5.53
C LEU B 246 -12.75 -1.41 6.33
N VAL B 247 -13.91 -1.50 5.67
CA VAL B 247 -15.22 -1.27 6.30
C VAL B 247 -16.06 -2.51 5.99
N PRO B 248 -16.17 -3.47 6.90
CA PRO B 248 -16.85 -4.74 6.54
C PRO B 248 -18.31 -4.59 6.13
N LEU B 249 -18.99 -3.54 6.59
CA LEU B 249 -20.37 -3.27 6.17
C LEU B 249 -20.50 -3.12 4.67
N ASN B 250 -19.43 -2.75 3.96
CA ASN B 250 -19.51 -2.59 2.52
C ASN B 250 -19.87 -3.90 1.81
N ARG B 251 -19.64 -5.04 2.46
CA ARG B 251 -20.04 -6.31 1.87
C ARG B 251 -21.56 -6.41 1.74
N ARG B 252 -22.29 -5.71 2.62
CA ARG B 252 -23.74 -5.82 2.72
C ARG B 252 -24.45 -4.66 2.03
N TYR B 253 -23.85 -3.48 2.06
CA TYR B 253 -24.36 -2.29 1.41
C TYR B 253 -23.20 -1.74 0.59
N PRO B 254 -23.05 -2.18 -0.66
CA PRO B 254 -21.85 -1.84 -1.43
C PRO B 254 -21.79 -0.37 -1.85
N ILE B 255 -20.62 0.03 -2.34
CA ILE B 255 -20.33 1.45 -2.52
C ILE B 255 -21.26 2.07 -3.55
N GLY B 256 -21.61 1.34 -4.61
CA GLY B 256 -22.50 1.89 -5.62
C GLY B 256 -23.89 2.15 -5.05
N GLU B 257 -24.39 1.23 -4.22
CA GLU B 257 -25.68 1.45 -3.55
C GLU B 257 -25.59 2.60 -2.56
N LEU B 258 -24.47 2.72 -1.87
CA LEU B 258 -24.28 3.79 -0.89
C LEU B 258 -24.33 5.15 -1.56
N ILE B 259 -23.59 5.32 -2.67
CA ILE B 259 -23.57 6.60 -3.35
C ILE B 259 -24.94 6.90 -3.95
N ALA B 260 -25.61 5.88 -4.46
CA ALA B 260 -26.95 6.08 -5.00
C ALA B 260 -27.91 6.58 -3.91
N ALA B 261 -27.80 6.04 -2.69
CA ALA B 261 -28.64 6.52 -1.60
C ALA B 261 -28.30 7.97 -1.25
N CYS B 262 -27.02 8.34 -1.33
CA CYS B 262 -26.66 9.73 -1.06
C CYS B 262 -27.24 10.65 -2.12
N ARG B 263 -27.24 10.23 -3.39
CA ARG B 263 -27.86 11.03 -4.44
C ARG B 263 -29.37 11.18 -4.18
N ARG B 264 -30.04 10.11 -3.74
CA ARG B 264 -31.46 10.22 -3.41
C ARG B 264 -31.68 11.15 -2.23
N TYR B 265 -30.76 11.13 -1.25
CA TYR B 265 -30.88 11.98 -0.08
C TYR B 265 -30.83 13.45 -0.50
N VAL B 266 -29.87 13.79 -1.36
CA VAL B 266 -29.78 15.17 -1.82
C VAL B 266 -31.03 15.54 -2.61
N GLY B 267 -31.51 14.63 -3.46
CA GLY B 267 -32.71 14.89 -4.24
C GLY B 267 -33.93 15.19 -3.38
N GLU B 268 -34.04 14.50 -2.24
CA GLU B 268 -35.20 14.67 -1.36
C GLU B 268 -35.08 15.91 -0.47
N THR B 269 -33.88 16.18 0.05
CA THR B 269 -33.70 17.22 1.06
C THR B 269 -33.06 18.50 0.51
N GLY B 270 -32.32 18.41 -0.58
CA GLY B 270 -31.53 19.53 -1.05
C GLY B 270 -30.33 19.84 -0.19
N ARG B 271 -30.00 18.98 0.75
CA ARG B 271 -28.90 19.22 1.69
C ARG B 271 -27.66 18.43 1.28
N ARG B 272 -26.51 19.05 1.52
CA ARG B 272 -25.23 18.47 1.18
C ARG B 272 -24.90 17.28 2.06
N VAL B 273 -24.24 16.28 1.48
CA VAL B 273 -23.74 15.14 2.23
C VAL B 273 -22.25 15.36 2.47
N THR B 274 -21.81 15.17 3.71
CA THR B 274 -20.40 15.21 4.05
C THR B 274 -19.87 13.79 4.06
N PHE B 275 -18.75 13.56 3.41
CA PHE B 275 -18.07 12.28 3.41
C PHE B 275 -16.83 12.36 4.28
N GLU B 276 -16.61 11.37 5.12
CA GLU B 276 -15.39 11.25 5.89
C GLU B 276 -14.48 10.23 5.20
N TYR B 277 -13.20 10.56 5.12
CA TYR B 277 -12.24 9.67 4.48
C TYR B 277 -10.96 9.70 5.31
N VAL B 278 -10.68 8.60 6.01
N VAL B 278 -10.73 8.63 6.08
CA VAL B 278 -9.49 8.51 6.85
CA VAL B 278 -9.48 8.51 6.80
C VAL B 278 -8.30 8.10 5.98
C VAL B 278 -8.37 8.27 5.79
N LEU B 279 -7.24 8.90 6.02
CA LEU B 279 -6.09 8.71 5.15
C LEU B 279 -5.07 7.82 5.86
N ILE B 280 -4.73 6.70 5.21
CA ILE B 280 -3.87 5.66 5.78
C ILE B 280 -2.69 5.46 4.84
N ASP B 281 -1.48 5.60 5.40
CA ASP B 281 -0.23 5.53 4.65
C ASP B 281 -0.12 4.23 3.85
N GLY B 282 -0.08 4.35 2.52
CA GLY B 282 0.15 3.22 1.64
C GLY B 282 -1.04 2.31 1.44
N VAL B 283 -2.21 2.72 1.92
CA VAL B 283 -3.40 1.89 1.90
C VAL B 283 -4.50 2.52 1.03
N ASN B 284 -4.84 3.80 1.29
CA ASN B 284 -5.93 4.42 0.56
C ASN B 284 -5.61 5.87 0.19
N ASP B 285 -4.32 6.25 0.19
CA ASP B 285 -3.90 7.65 0.11
C ASP B 285 -3.16 7.99 -1.17
N SER B 286 -3.26 7.19 -2.23
CA SER B 286 -2.49 7.45 -3.43
C SER B 286 -3.20 8.48 -4.32
N ASP B 287 -2.44 9.06 -5.25
CA ASP B 287 -3.03 9.93 -6.25
C ASP B 287 -4.14 9.21 -7.01
N ALA B 288 -3.90 7.94 -7.38
CA ALA B 288 -4.92 7.18 -8.11
C ALA B 288 -6.20 7.00 -7.28
N ASN B 289 -6.06 6.82 -5.96
CA ASN B 289 -7.23 6.75 -5.08
C ASN B 289 -8.00 8.06 -5.09
N ALA B 290 -7.29 9.20 -5.03
CA ALA B 290 -7.99 10.48 -5.04
C ALA B 290 -8.72 10.70 -6.35
N GLU B 291 -8.09 10.32 -7.48
CA GLU B 291 -8.73 10.49 -8.79
C GLU B 291 -9.99 9.63 -8.88
N GLU B 292 -9.91 8.39 -8.41
CA GLU B 292 -11.09 7.52 -8.44
C GLU B 292 -12.18 8.05 -7.51
N LEU B 293 -11.80 8.57 -6.35
CA LEU B 293 -12.79 9.16 -5.47
C LEU B 293 -13.51 10.35 -6.13
N ALA B 294 -12.76 11.19 -6.84
CA ALA B 294 -13.40 12.30 -7.52
C ALA B 294 -14.37 11.83 -8.59
N ARG B 295 -14.02 10.78 -9.33
CA ARG B 295 -14.95 10.25 -10.33
C ARG B 295 -16.19 9.66 -9.66
N LEU B 296 -16.00 9.00 -8.52
CA LEU B 296 -17.13 8.39 -7.81
C LEU B 296 -18.14 9.45 -7.39
N LEU B 297 -17.65 10.62 -6.99
CA LEU B 297 -18.50 11.66 -6.42
C LEU B 297 -18.98 12.68 -7.45
N ARG B 298 -18.71 12.47 -8.74
CA ARG B 298 -19.07 13.43 -9.78
C ARG B 298 -20.55 13.78 -9.67
N GLY B 299 -20.86 15.08 -9.70
CA GLY B 299 -22.24 15.53 -9.73
C GLY B 299 -22.96 15.51 -8.41
N LEU B 300 -22.38 14.92 -7.37
CA LEU B 300 -23.03 14.86 -6.06
C LEU B 300 -22.77 16.13 -5.26
N LEU B 301 -23.80 16.67 -4.63
CA LEU B 301 -23.66 17.83 -3.73
C LEU B 301 -23.03 17.33 -2.43
N CYS B 302 -21.74 17.59 -2.24
CA CYS B 302 -21.02 16.94 -1.16
C CYS B 302 -19.80 17.76 -0.72
N HIS B 303 -19.15 17.27 0.34
CA HIS B 303 -17.93 17.82 0.88
C HIS B 303 -17.13 16.67 1.47
N VAL B 304 -15.82 16.64 1.26
CA VAL B 304 -14.99 15.56 1.78
C VAL B 304 -14.13 16.09 2.92
N ASN B 305 -14.24 15.47 4.09
CA ASN B 305 -13.33 15.70 5.21
C ASN B 305 -12.27 14.62 5.15
N LEU B 306 -11.00 15.01 5.00
CA LEU B 306 -9.89 14.07 4.97
C LEU B 306 -9.28 14.03 6.36
N ILE B 307 -9.30 12.85 6.99
CA ILE B 307 -8.90 12.72 8.38
C ILE B 307 -7.58 11.94 8.43
N PRO B 308 -6.45 12.56 8.72
CA PRO B 308 -5.21 11.79 8.87
C PRO B 308 -5.38 10.76 9.99
N LEU B 309 -4.95 9.52 9.73
CA LEU B 309 -5.21 8.43 10.68
C LEU B 309 -4.71 8.78 12.09
N ASN B 310 -5.54 8.52 13.08
CA ASN B 310 -5.13 8.64 14.48
C ASN B 310 -4.62 7.30 14.99
N PRO B 311 -3.60 7.33 15.83
CA PRO B 311 -2.96 6.09 16.28
C PRO B 311 -3.85 5.33 17.25
N THR B 312 -3.82 4.02 17.16
CA THR B 312 -4.53 3.21 18.14
C THR B 312 -3.51 2.24 18.73
N PRO B 313 -3.83 1.59 19.85
CA PRO B 313 -2.82 0.69 20.43
C PRO B 313 -2.38 -0.41 19.47
N ALA B 314 -3.35 -1.06 18.80
CA ALA B 314 -3.14 -2.22 17.95
C ALA B 314 -2.51 -2.00 16.58
N ALA B 315 -3.29 -1.37 15.69
CA ALA B 315 -3.01 -1.37 14.27
C ALA B 315 -1.56 -0.98 13.99
N PRO B 316 -0.89 -1.69 13.06
CA PRO B 316 0.32 -1.15 12.45
C PRO B 316 0.04 -0.13 11.36
N PHE B 317 -1.21 0.32 11.19
CA PHE B 317 -1.46 1.35 10.19
C PHE B 317 -0.82 2.65 10.63
N GLY B 318 -0.35 3.43 9.66
CA GLY B 318 0.28 4.70 9.93
C GLY B 318 -0.41 5.86 9.24
N ARG B 319 -0.06 7.05 9.68
CA ARG B 319 -0.55 8.28 9.08
C ARG B 319 0.36 8.67 7.92
N PRO B 320 -0.15 9.16 6.79
CA PRO B 320 0.73 9.59 5.70
C PRO B 320 1.47 10.88 6.05
N SER B 321 2.46 11.21 5.23
CA SER B 321 3.18 12.46 5.40
C SER B 321 2.26 13.65 5.11
N VAL B 322 2.67 14.81 5.61
CA VAL B 322 1.95 16.05 5.33
C VAL B 322 1.87 16.30 3.83
N GLU B 323 2.96 16.04 3.10
CA GLU B 323 2.97 16.25 1.65
C GLU B 323 1.94 15.37 0.94
N ARG B 324 1.81 14.12 1.36
CA ARG B 324 0.82 13.24 0.73
C ARG B 324 -0.61 13.69 1.06
N ILE B 325 -0.87 14.02 2.32
CA ILE B 325 -2.17 14.51 2.74
C ILE B 325 -2.56 15.74 1.91
N ASN B 326 -1.63 16.70 1.76
CA ASN B 326 -1.94 17.90 1.02
C ASN B 326 -2.15 17.61 -0.46
N ARG B 327 -1.39 16.66 -1.03
CA ARG B 327 -1.60 16.33 -2.44
C ARG B 327 -2.97 15.70 -2.66
N PHE B 328 -3.41 14.82 -1.76
CA PHE B 328 -4.72 14.20 -1.90
C PHE B 328 -5.81 15.27 -1.92
N GLU B 329 -5.74 16.22 -1.00
CA GLU B 329 -6.68 17.33 -0.93
C GLU B 329 -6.65 18.16 -2.20
N GLN B 330 -5.43 18.45 -2.70
CA GLN B 330 -5.28 19.25 -3.91
C GLN B 330 -5.93 18.57 -5.10
N ILE B 331 -5.77 17.25 -5.23
CA ILE B 331 -6.39 16.54 -6.35
C ILE B 331 -7.90 16.68 -6.29
N LEU B 332 -8.48 16.43 -5.12
CA LEU B 332 -9.94 16.51 -5.00
C LEU B 332 -10.46 17.88 -5.40
N ARG B 333 -9.87 18.96 -4.87
CA ARG B 333 -10.37 20.28 -5.18
C ARG B 333 -10.20 20.58 -6.68
N ALA B 334 -9.09 20.11 -7.27
CA ALA B 334 -8.85 20.36 -8.69
C ALA B 334 -9.89 19.68 -9.56
N ARG B 335 -10.48 18.60 -9.06
CA ARG B 335 -11.54 17.88 -9.75
C ARG B 335 -12.94 18.39 -9.37
N GLY B 336 -13.02 19.50 -8.63
CA GLY B 336 -14.30 20.12 -8.31
C GLY B 336 -14.99 19.63 -7.05
N ILE B 337 -14.28 18.93 -6.17
CA ILE B 337 -14.85 18.36 -4.95
C ILE B 337 -14.39 19.22 -3.77
N PRO B 338 -15.28 19.87 -3.04
CA PRO B 338 -14.85 20.59 -1.82
C PRO B 338 -14.22 19.62 -0.85
N ALA B 339 -13.07 19.99 -0.28
CA ALA B 339 -12.32 19.06 0.56
C ALA B 339 -11.50 19.83 1.59
N THR B 340 -11.52 19.36 2.83
CA THR B 340 -10.76 19.95 3.93
C THR B 340 -10.07 18.85 4.72
N VAL B 341 -8.79 19.05 5.00
CA VAL B 341 -8.07 18.20 5.94
C VAL B 341 -8.44 18.60 7.35
N ARG B 342 -8.80 17.61 8.17
CA ARG B 342 -9.21 17.82 9.56
C ARG B 342 -8.35 16.93 10.45
N TYR B 343 -7.31 17.53 11.04
CA TYR B 343 -6.56 16.83 12.08
C TYR B 343 -7.40 16.78 13.34
N SER B 344 -7.62 15.57 13.85
CA SER B 344 -8.51 15.38 14.98
C SER B 344 -7.93 16.02 16.23
N ARG B 345 -8.83 16.48 17.10
CA ARG B 345 -8.43 16.97 18.40
C ARG B 345 -8.42 15.82 19.40
N GLY B 346 -7.62 15.97 20.45
CA GLY B 346 -7.61 15.04 21.56
C GLY B 346 -6.69 13.86 21.43
N VAL B 347 -5.81 13.84 20.42
CA VAL B 347 -4.93 12.69 20.23
C VAL B 347 -4.09 12.43 21.47
N ASP B 348 -3.66 13.50 22.15
CA ASP B 348 -2.77 13.35 23.29
C ASP B 348 -3.45 12.76 24.51
N ILE B 349 -4.78 12.72 24.54
CA ILE B 349 -5.51 12.11 25.64
C ILE B 349 -6.39 10.96 25.13
N SER B 350 -6.07 10.42 23.96
CA SER B 350 -6.83 9.30 23.36
C SER B 350 -8.32 9.63 23.26
N ALA B 351 -8.61 10.85 22.79
CA ALA B 351 -9.96 11.32 22.64
C ALA B 351 -10.32 11.65 21.20
N ALA B 352 -9.45 11.33 20.24
CA ALA B 352 -9.71 11.61 18.84
C ALA B 352 -10.52 10.50 18.18
N GLY B 354 -11.73 7.42 16.45
CA GLY B 354 -11.16 6.10 16.35
C GLY B 354 -10.43 5.58 17.57
N GLN B 355 -10.28 6.45 18.57
CA GLN B 355 -9.49 6.11 19.73
C GLN B 355 -10.29 5.71 20.96
N LEU B 356 -11.63 5.79 20.93
CA LEU B 356 -12.43 5.56 22.14
C LEU B 356 -12.55 4.06 22.43
N ARG B 357 -11.94 3.63 23.52
CA ARG B 357 -11.99 2.24 23.98
C ARG B 357 -12.67 2.13 25.32
N ALA B 358 -13.02 3.24 25.96
CA ALA B 358 -13.71 3.24 27.26
C ALA B 358 -12.96 2.40 28.29
N GLU B 359 -11.64 2.59 28.35
CA GLU B 359 -10.80 1.94 29.34
C GLU B 359 -10.46 2.92 30.45
#